data_3A7A
#
_entry.id   3A7A
#
_cell.length_a   70.013
_cell.length_b   102.016
_cell.length_c   159.934
_cell.angle_alpha   90.00
_cell.angle_beta   90.00
_cell.angle_gamma   90.00
#
_symmetry.space_group_name_H-M   'P 21 21 21'
#
loop_
_entity.id
_entity.type
_entity.pdbx_description
1 polymer 'Lipoate-protein ligase A'
2 polymer 'Glycine cleavage system H protein'
3 non-polymer N-OCTANE
4 non-polymer 'ADENOSINE MONOPHOSPHATE'
#
loop_
_entity_poly.entity_id
_entity_poly.type
_entity_poly.pdbx_seq_one_letter_code
_entity_poly.pdbx_strand_id
1 'polypeptide(L)'
;STLRLLISDSYDPWFNLAVEECIFRQMPATQRVLFLWRNADTVVIGRAQNPWKECNTRRMEEDNVRLARRSSGGGAVFHD
LGNTCFTFMAGKPEYDKTISTSIVLNALNALGVSAEASGRNDLVVKTVEGDRKVSGSAYRETKDRGFHHGTLLLNADLSR
LANYLNPDKKKLAAKGITSVRSRVTNLTELLPGITHEQVCEAITEAFFAHYGERVEAEIISPNKTPDLPNFAETFARQSS
WEWNFGQAPAFSHLLDERFTWGGVELHFDVEKGHITRAQVFTDSLNPAPLEALAGRLQGCLYRADMLQQECEALLVDFPE
QEKELRELSAWMAGAVR
;
A,C
2 'polypeptide(L)'
;SNVPAELKYSKEHEWLRKEADGTYTVGITEHAQELLGDMVFVDLPEVGATVSAGDDCAVAESVKAASDIYAPVSGEIVAV
NDALSDSPELVNSEPYAGGWIFKIKASDESELESLLDATAYEALLEDE
;
B,D
#
# COMPACT_ATOMS: atom_id res chain seq x y z
N SER A 1 22.15 -16.14 -49.05
CA SER A 1 22.41 -16.87 -47.77
C SER A 1 22.01 -16.03 -46.56
N THR A 2 20.72 -15.70 -46.49
CA THR A 2 20.22 -14.83 -45.43
C THR A 2 19.45 -15.59 -44.36
N LEU A 3 19.36 -16.92 -44.53
CA LEU A 3 18.79 -17.78 -43.49
C LEU A 3 19.89 -18.23 -42.56
N ARG A 4 19.57 -18.37 -41.27
CA ARG A 4 20.53 -18.92 -40.32
C ARG A 4 19.91 -20.01 -39.47
N LEU A 5 20.69 -21.05 -39.19
CA LEU A 5 20.19 -22.23 -38.50
C LEU A 5 21.04 -22.50 -37.27
N LEU A 6 20.42 -22.38 -36.09
CA LEU A 6 21.14 -22.55 -34.84
C LEU A 6 20.58 -23.70 -34.02
N ILE A 7 21.48 -24.58 -33.57
CA ILE A 7 21.09 -25.73 -32.75
C ILE A 7 21.82 -25.73 -31.41
N SER A 8 21.07 -25.65 -30.33
CA SER A 8 21.67 -25.67 -29.00
C SER A 8 21.71 -27.10 -28.45
N ASP A 9 22.91 -27.57 -28.15
CA ASP A 9 23.08 -28.89 -27.56
C ASP A 9 23.11 -28.80 -26.04
N SER A 10 22.68 -27.66 -25.51
CA SER A 10 22.57 -27.47 -24.07
C SER A 10 21.12 -27.59 -23.63
N TYR A 11 20.91 -28.13 -22.42
CA TYR A 11 19.57 -28.28 -21.88
C TYR A 11 19.34 -27.34 -20.71
N ASP A 12 20.27 -26.42 -20.51
CA ASP A 12 20.11 -25.40 -19.49
C ASP A 12 19.20 -24.29 -20.01
N PRO A 13 18.02 -24.11 -19.39
CA PRO A 13 17.07 -23.12 -19.86
C PRO A 13 17.65 -21.72 -19.77
N TRP A 14 18.38 -21.44 -18.70
CA TRP A 14 19.05 -20.15 -18.53
C TRP A 14 20.04 -19.92 -19.66
N PHE A 15 20.87 -20.92 -19.90
CA PHE A 15 21.78 -20.91 -21.04
C PHE A 15 21.01 -20.62 -22.32
N ASN A 16 20.01 -21.46 -22.59
CA ASN A 16 19.25 -21.38 -23.83
C ASN A 16 18.47 -20.09 -24.02
N LEU A 17 17.95 -19.54 -22.92
CA LEU A 17 17.22 -18.29 -23.01
C LEU A 17 18.16 -17.11 -23.23
N ALA A 18 19.37 -17.22 -22.67
CA ALA A 18 20.38 -16.20 -22.88
C ALA A 18 20.74 -16.16 -24.35
N VAL A 19 20.96 -17.34 -24.92
CA VAL A 19 21.35 -17.46 -26.32
C VAL A 19 20.28 -16.89 -27.24
N GLU A 20 19.03 -17.24 -26.98
CA GLU A 20 17.93 -16.78 -27.83
C GLU A 20 17.96 -15.25 -27.98
N GLU A 21 17.98 -14.54 -26.86
CA GLU A 21 17.95 -13.09 -26.86
C GLU A 21 19.16 -12.49 -27.59
N CYS A 22 20.36 -12.95 -27.22
CA CYS A 22 21.58 -12.45 -27.84
C CYS A 22 21.46 -12.48 -29.35
N ILE A 23 21.32 -13.68 -29.91
CA ILE A 23 21.08 -13.84 -31.33
C ILE A 23 20.06 -12.80 -31.82
N PHE A 24 18.92 -12.79 -31.15
CA PHE A 24 17.81 -11.91 -31.48
C PHE A 24 18.22 -10.45 -31.57
N ARG A 25 18.92 -9.97 -30.55
CA ARG A 25 19.34 -8.58 -30.53
C ARG A 25 20.38 -8.27 -31.62
N GLN A 26 21.49 -9.02 -31.63
CA GLN A 26 22.58 -8.79 -32.58
C GLN A 26 22.29 -9.33 -33.97
N MET A 27 21.02 -9.64 -34.24
CA MET A 27 20.63 -10.24 -35.51
C MET A 27 20.62 -9.21 -36.65
N PRO A 28 21.31 -9.53 -37.75
CA PRO A 28 21.29 -8.70 -38.95
C PRO A 28 19.87 -8.32 -39.38
N ALA A 29 19.76 -7.26 -40.17
CA ALA A 29 18.45 -6.69 -40.51
C ALA A 29 17.64 -7.51 -41.52
N THR A 30 18.32 -8.33 -42.31
CA THR A 30 17.66 -9.05 -43.39
C THR A 30 17.76 -10.58 -43.28
N GLN A 31 17.93 -11.08 -42.06
CA GLN A 31 17.98 -12.52 -41.85
C GLN A 31 16.63 -13.12 -41.52
N ARG A 32 16.59 -14.44 -41.56
CA ARG A 32 15.49 -15.22 -41.01
C ARG A 32 16.12 -16.34 -40.20
N VAL A 33 15.89 -16.32 -38.89
CA VAL A 33 16.61 -17.20 -37.97
C VAL A 33 15.74 -18.30 -37.35
N LEU A 34 16.19 -19.54 -37.48
CA LEU A 34 15.53 -20.68 -36.85
C LEU A 34 16.40 -21.28 -35.76
N PHE A 35 15.85 -21.40 -34.56
CA PHE A 35 16.58 -21.87 -33.40
C PHE A 35 15.92 -23.10 -32.81
N LEU A 36 16.66 -24.20 -32.79
CA LEU A 36 16.16 -25.45 -32.25
C LEU A 36 16.86 -25.80 -30.93
N TRP A 37 16.07 -26.13 -29.90
CA TRP A 37 16.60 -26.35 -28.57
C TRP A 37 15.57 -26.98 -27.66
N ARG A 38 16.02 -27.54 -26.54
CA ARG A 38 15.11 -28.00 -25.50
C ARG A 38 15.75 -27.91 -24.12
N ASN A 39 14.93 -28.05 -23.08
CA ASN A 39 15.41 -27.87 -21.73
C ASN A 39 15.07 -29.04 -20.82
N ALA A 40 16.05 -29.47 -20.03
CA ALA A 40 15.83 -30.54 -19.07
C ALA A 40 14.97 -30.04 -17.91
N ASP A 41 14.08 -30.90 -17.44
CA ASP A 41 13.22 -30.59 -16.31
C ASP A 41 13.24 -29.11 -15.93
N THR A 42 12.32 -28.36 -16.52
CA THR A 42 12.24 -26.91 -16.31
C THR A 42 10.80 -26.41 -16.37
N VAL A 43 10.55 -25.32 -15.67
CA VAL A 43 9.30 -24.58 -15.82
C VAL A 43 9.61 -23.18 -16.34
N VAL A 44 9.07 -22.86 -17.51
CA VAL A 44 9.34 -21.58 -18.15
C VAL A 44 8.11 -20.69 -18.09
N ILE A 45 8.28 -19.47 -17.59
CA ILE A 45 7.15 -18.54 -17.44
C ILE A 45 7.35 -17.24 -18.22
N GLY A 46 6.25 -16.57 -18.52
CA GLY A 46 6.27 -15.33 -19.29
C GLY A 46 6.73 -14.14 -18.48
N ARG A 47 7.00 -13.03 -19.17
CA ARG A 47 7.51 -11.81 -18.54
C ARG A 47 6.85 -11.52 -17.21
N ALA A 48 5.52 -11.37 -17.25
CA ALA A 48 4.78 -10.81 -16.11
C ALA A 48 4.04 -11.86 -15.31
N GLN A 49 4.68 -12.99 -15.06
CA GLN A 49 4.03 -14.06 -14.32
C GLN A 49 4.57 -14.23 -12.91
N ASN A 50 3.67 -14.46 -11.97
CA ASN A 50 4.03 -14.78 -10.60
C ASN A 50 4.35 -16.27 -10.49
N PRO A 51 5.64 -16.61 -10.29
CA PRO A 51 6.04 -18.00 -10.25
C PRO A 51 5.36 -18.77 -9.13
N TRP A 52 5.33 -18.16 -7.93
CA TRP A 52 4.76 -18.82 -6.77
C TRP A 52 3.28 -19.12 -6.95
N LYS A 53 2.65 -18.46 -7.92
CA LYS A 53 1.22 -18.63 -8.15
C LYS A 53 0.92 -19.54 -9.34
N GLU A 54 1.85 -19.59 -10.28
CA GLU A 54 1.61 -20.27 -11.56
C GLU A 54 2.19 -21.69 -11.61
N CYS A 55 3.07 -22.00 -10.67
CA CYS A 55 3.65 -23.34 -10.61
C CYS A 55 3.98 -23.74 -9.18
N ASN A 56 4.27 -25.01 -8.96
CA ASN A 56 4.55 -25.50 -7.62
C ASN A 56 6.02 -25.33 -7.25
N THR A 57 6.40 -24.10 -6.91
CA THR A 57 7.79 -23.76 -6.64
C THR A 57 8.42 -24.62 -5.55
N ARG A 58 7.61 -25.12 -4.63
CA ARG A 58 8.10 -26.00 -3.57
C ARG A 58 8.50 -27.37 -4.12
N ARG A 59 7.59 -27.99 -4.85
CA ARG A 59 7.92 -29.25 -5.52
C ARG A 59 9.09 -29.01 -6.46
N MET A 60 9.00 -27.96 -7.26
CA MET A 60 10.06 -27.58 -8.19
C MET A 60 11.42 -27.56 -7.50
N GLU A 61 11.46 -27.03 -6.28
CA GLU A 61 12.72 -26.91 -5.56
C GLU A 61 13.20 -28.24 -4.99
N GLU A 62 12.26 -29.05 -4.53
CA GLU A 62 12.56 -30.35 -3.93
C GLU A 62 13.17 -31.31 -4.94
N ASP A 63 12.84 -31.11 -6.22
CA ASP A 63 13.33 -32.00 -7.29
C ASP A 63 14.28 -31.26 -8.23
N ASN A 64 14.85 -30.15 -7.72
CA ASN A 64 15.63 -29.24 -8.55
C ASN A 64 15.18 -29.15 -10.01
N VAL A 65 13.89 -28.87 -10.19
CA VAL A 65 13.37 -28.52 -11.50
C VAL A 65 13.54 -27.03 -11.67
N ARG A 66 14.25 -26.63 -12.71
CA ARG A 66 14.64 -25.24 -12.88
C ARG A 66 13.47 -24.33 -13.23
N LEU A 67 13.51 -23.11 -12.71
CA LEU A 67 12.55 -22.09 -13.11
C LEU A 67 13.25 -21.03 -13.95
N ALA A 68 12.63 -20.64 -15.05
CA ALA A 68 13.22 -19.64 -15.92
C ALA A 68 12.16 -18.72 -16.52
N ARG A 69 12.24 -17.42 -16.19
CA ARG A 69 11.35 -16.42 -16.74
C ARG A 69 11.87 -16.02 -18.12
N ARG A 70 10.98 -15.96 -19.10
CA ARG A 70 11.37 -15.63 -20.47
C ARG A 70 11.01 -14.19 -20.83
N SER A 71 11.65 -13.68 -21.88
CA SER A 71 11.41 -12.29 -22.31
C SER A 71 10.04 -12.10 -22.93
N SER A 72 9.49 -13.16 -23.54
CA SER A 72 8.17 -13.08 -24.16
C SER A 72 7.10 -13.11 -23.08
N GLY A 73 5.84 -13.01 -23.50
CA GLY A 73 4.73 -13.07 -22.56
C GLY A 73 4.19 -14.48 -22.47
N GLY A 74 2.93 -14.62 -22.07
CA GLY A 74 2.28 -15.91 -22.05
C GLY A 74 2.34 -16.62 -20.71
N GLY A 75 1.76 -17.81 -20.66
CA GLY A 75 1.66 -18.58 -19.43
C GLY A 75 2.83 -19.52 -19.16
N ALA A 76 2.69 -20.32 -18.10
CA ALA A 76 3.74 -21.22 -17.67
C ALA A 76 3.65 -22.59 -18.35
N VAL A 77 4.76 -23.04 -18.91
CA VAL A 77 4.83 -24.35 -19.53
C VAL A 77 5.99 -25.18 -18.99
N PHE A 78 5.90 -26.49 -19.13
CA PHE A 78 6.90 -27.39 -18.57
C PHE A 78 7.77 -28.01 -19.67
N HIS A 79 9.06 -28.13 -19.38
CA HIS A 79 10.02 -28.60 -20.36
C HIS A 79 10.89 -29.73 -19.81
N ASP A 80 10.86 -30.88 -20.46
CA ASP A 80 11.91 -31.88 -20.27
C ASP A 80 12.47 -32.23 -21.64
N LEU A 81 13.26 -33.28 -21.72
CA LEU A 81 13.86 -33.63 -23.01
C LEU A 81 12.78 -34.14 -23.97
N GLY A 82 11.58 -34.36 -23.44
CA GLY A 82 10.46 -34.79 -24.27
C GLY A 82 9.80 -33.60 -24.93
N ASN A 83 10.22 -32.40 -24.53
CA ASN A 83 9.71 -31.17 -25.10
C ASN A 83 10.71 -30.55 -26.06
N THR A 84 10.27 -30.27 -27.28
CA THR A 84 11.10 -29.65 -28.30
C THR A 84 10.71 -28.19 -28.48
N CYS A 85 11.70 -27.30 -28.40
CA CYS A 85 11.46 -25.87 -28.56
C CYS A 85 11.92 -25.38 -29.93
N PHE A 86 11.20 -24.40 -30.47
CA PHE A 86 11.56 -23.80 -31.75
C PHE A 86 11.36 -22.30 -31.67
N THR A 87 12.35 -21.56 -32.16
CA THR A 87 12.25 -20.11 -32.23
C THR A 87 12.45 -19.63 -33.66
N PHE A 88 11.50 -18.85 -34.16
CA PHE A 88 11.62 -18.25 -35.49
C PHE A 88 11.87 -16.76 -35.38
N MET A 89 12.99 -16.30 -35.93
CA MET A 89 13.35 -14.89 -35.87
C MET A 89 13.41 -14.28 -37.27
N ALA A 90 12.85 -13.08 -37.41
CA ALA A 90 12.85 -12.37 -38.69
C ALA A 90 12.63 -10.88 -38.45
N GLY A 91 13.29 -10.05 -39.25
CA GLY A 91 13.17 -8.61 -39.09
C GLY A 91 11.87 -8.07 -39.66
N LYS A 92 11.51 -6.85 -39.26
CA LYS A 92 10.33 -6.19 -39.80
C LYS A 92 10.64 -5.41 -41.08
N PRO A 93 9.60 -5.13 -41.88
CA PRO A 93 8.21 -5.44 -41.58
C PRO A 93 7.82 -6.84 -42.05
N GLU A 94 8.83 -7.66 -42.32
CA GLU A 94 8.61 -9.02 -42.83
C GLU A 94 8.06 -9.98 -41.77
N TYR A 95 8.45 -9.76 -40.52
CA TYR A 95 8.06 -10.66 -39.43
C TYR A 95 6.56 -10.93 -39.43
N ASP A 96 6.19 -12.20 -39.41
CA ASP A 96 4.79 -12.59 -39.32
C ASP A 96 4.59 -13.95 -38.65
N LYS A 97 4.18 -13.92 -37.39
CA LYS A 97 3.84 -15.12 -36.65
C LYS A 97 3.28 -16.21 -37.55
N THR A 98 2.19 -15.91 -38.25
CA THR A 98 1.47 -16.91 -39.04
C THR A 98 2.35 -17.68 -40.04
N ILE A 99 3.39 -17.02 -40.53
CA ILE A 99 4.29 -17.67 -41.49
C ILE A 99 5.06 -18.81 -40.83
N SER A 100 5.58 -18.56 -39.64
CA SER A 100 6.31 -19.57 -38.89
C SER A 100 5.35 -20.65 -38.37
N THR A 101 4.11 -20.23 -38.09
CA THR A 101 3.10 -21.16 -37.60
C THR A 101 2.85 -22.26 -38.63
N SER A 102 2.63 -21.87 -39.87
CA SER A 102 2.38 -22.85 -40.93
C SER A 102 3.63 -23.69 -41.22
N ILE A 103 4.80 -23.05 -41.19
CA ILE A 103 6.06 -23.78 -41.37
C ILE A 103 6.14 -24.95 -40.40
N VAL A 104 5.71 -24.72 -39.16
CA VAL A 104 5.69 -25.77 -38.15
C VAL A 104 4.61 -26.78 -38.49
N LEU A 105 3.40 -26.29 -38.80
CA LEU A 105 2.31 -27.17 -39.19
C LEU A 105 2.69 -27.98 -40.42
N ASN A 106 3.49 -27.38 -41.30
CA ASN A 106 4.02 -28.09 -42.46
C ASN A 106 4.88 -29.27 -42.03
N ALA A 107 5.88 -28.99 -41.21
CA ALA A 107 6.76 -30.03 -40.69
C ALA A 107 5.96 -31.18 -40.11
N LEU A 108 4.91 -30.85 -39.35
CA LEU A 108 4.06 -31.87 -38.76
C LEU A 108 3.43 -32.75 -39.84
N ASN A 109 2.91 -32.10 -40.89
CA ASN A 109 2.32 -32.84 -41.99
C ASN A 109 3.34 -33.78 -42.63
N ALA A 110 4.53 -33.26 -42.89
CA ALA A 110 5.60 -34.04 -43.50
C ALA A 110 5.88 -35.31 -42.72
N LEU A 111 5.77 -35.23 -41.40
CA LEU A 111 5.98 -36.37 -40.53
C LEU A 111 4.76 -37.27 -40.49
N GLY A 112 3.62 -36.71 -40.91
CA GLY A 112 2.37 -37.45 -40.93
C GLY A 112 1.35 -36.93 -39.94
N VAL A 113 1.77 -36.03 -39.06
CA VAL A 113 0.87 -35.48 -38.06
C VAL A 113 0.07 -34.32 -38.62
N SER A 114 -1.24 -34.34 -38.39
CA SER A 114 -2.11 -33.28 -38.84
C SER A 114 -2.66 -32.49 -37.65
N ALA A 115 -2.22 -31.24 -37.51
CA ALA A 115 -2.71 -30.39 -36.44
C ALA A 115 -3.21 -29.06 -36.99
N GLU A 116 -4.20 -28.49 -36.31
CA GLU A 116 -4.74 -27.19 -36.71
C GLU A 116 -4.42 -26.16 -35.63
N ALA A 117 -4.11 -24.93 -36.07
CA ALA A 117 -3.86 -23.85 -35.13
C ALA A 117 -5.15 -23.52 -34.39
N SER A 118 -5.04 -23.21 -33.10
CA SER A 118 -6.21 -22.94 -32.28
C SER A 118 -5.99 -21.72 -31.39
N GLY A 119 -7.03 -20.93 -31.20
CA GLY A 119 -6.89 -19.67 -30.49
C GLY A 119 -5.82 -18.87 -31.18
N ARG A 120 -5.06 -18.11 -30.40
CA ARG A 120 -3.99 -17.30 -30.97
C ARG A 120 -2.61 -17.90 -30.67
N ASN A 121 -2.58 -18.89 -29.77
CA ASN A 121 -1.31 -19.40 -29.24
C ASN A 121 -1.15 -20.92 -29.23
N ASP A 122 -2.15 -21.65 -29.72
CA ASP A 122 -2.16 -23.11 -29.56
C ASP A 122 -2.09 -23.90 -30.87
N LEU A 123 -1.57 -25.12 -30.76
CA LEU A 123 -1.62 -26.09 -31.84
C LEU A 123 -2.22 -27.38 -31.31
N VAL A 124 -3.33 -27.81 -31.90
CA VAL A 124 -4.03 -28.99 -31.39
C VAL A 124 -4.23 -30.08 -32.44
N VAL A 125 -4.53 -31.29 -31.98
CA VAL A 125 -4.84 -32.40 -32.85
C VAL A 125 -6.14 -33.07 -32.41
N LYS A 126 -6.78 -33.79 -33.32
CA LYS A 126 -8.01 -34.50 -33.02
C LYS A 126 -7.72 -35.87 -32.42
N THR A 127 -8.58 -36.31 -31.51
CA THR A 127 -8.42 -37.62 -30.87
C THR A 127 -9.78 -38.20 -30.47
N VAL A 128 -9.77 -39.47 -30.07
CA VAL A 128 -11.01 -40.19 -29.75
C VAL A 128 -11.77 -39.58 -28.56
N GLU A 129 -11.04 -39.17 -27.52
CA GLU A 129 -11.68 -38.54 -26.37
C GLU A 129 -11.45 -37.03 -26.32
N GLY A 130 -11.76 -36.36 -27.44
CA GLY A 130 -11.74 -34.91 -27.50
C GLY A 130 -10.57 -34.32 -28.27
N ASP A 131 -10.32 -33.03 -28.05
CA ASP A 131 -9.18 -32.34 -28.65
C ASP A 131 -8.01 -32.30 -27.69
N ARG A 132 -6.81 -32.14 -28.23
CA ARG A 132 -5.60 -32.13 -27.41
C ARG A 132 -4.56 -31.13 -27.90
N LYS A 133 -4.11 -30.28 -26.97
CA LYS A 133 -3.06 -29.31 -27.23
C LYS A 133 -1.70 -29.97 -27.23
N VAL A 134 -0.94 -29.78 -28.30
CA VAL A 134 0.37 -30.37 -28.40
C VAL A 134 1.45 -29.30 -28.54
N SER A 135 1.03 -28.05 -28.52
CA SER A 135 1.96 -26.94 -28.68
C SER A 135 1.51 -25.67 -27.96
N GLY A 136 2.48 -24.82 -27.65
CA GLY A 136 2.20 -23.54 -27.01
C GLY A 136 3.18 -22.49 -27.51
N SER A 137 2.68 -21.31 -27.82
CA SER A 137 3.53 -20.26 -28.39
C SER A 137 3.44 -18.92 -27.67
N ALA A 138 4.52 -18.16 -27.75
CA ALA A 138 4.58 -16.81 -27.21
C ALA A 138 5.42 -15.99 -28.17
N TYR A 139 5.19 -14.68 -28.19
CA TYR A 139 5.87 -13.83 -29.17
C TYR A 139 6.42 -12.55 -28.55
N ARG A 140 7.55 -12.09 -29.08
CA ARG A 140 8.08 -10.78 -28.71
C ARG A 140 8.44 -9.98 -29.96
N GLU A 141 8.05 -8.71 -29.96
CA GLU A 141 8.33 -7.83 -31.08
C GLU A 141 8.95 -6.54 -30.57
N THR A 142 9.94 -6.04 -31.30
CA THR A 142 10.55 -4.74 -30.99
C THR A 142 10.11 -3.72 -32.02
N LYS A 143 11.02 -2.81 -32.39
CA LYS A 143 10.72 -1.83 -33.42
C LYS A 143 11.09 -2.34 -34.80
N ASP A 144 12.09 -3.22 -34.86
CA ASP A 144 12.64 -3.69 -36.12
C ASP A 144 12.65 -5.21 -36.22
N ARG A 145 12.47 -5.87 -35.09
CA ARG A 145 12.61 -7.32 -35.02
C ARG A 145 11.32 -8.00 -34.57
N GLY A 146 11.42 -9.32 -34.34
CA GLY A 146 10.32 -10.13 -33.87
C GLY A 146 10.72 -11.59 -33.88
N PHE A 147 10.29 -12.33 -32.86
CA PHE A 147 10.54 -13.76 -32.83
C PHE A 147 9.38 -14.56 -32.26
N HIS A 148 9.12 -15.70 -32.89
CA HIS A 148 8.07 -16.62 -32.44
C HIS A 148 8.70 -17.91 -31.97
N HIS A 149 8.61 -18.18 -30.68
CA HIS A 149 9.05 -19.47 -30.15
C HIS A 149 7.89 -20.23 -29.54
N GLY A 150 7.94 -21.56 -29.65
CA GLY A 150 6.89 -22.41 -29.12
C GLY A 150 7.41 -23.78 -28.77
N THR A 151 6.52 -24.65 -28.32
CA THR A 151 6.91 -25.96 -27.85
C THR A 151 6.14 -27.06 -28.58
N LEU A 152 6.80 -28.20 -28.78
CA LEU A 152 6.15 -29.38 -29.35
C LEU A 152 6.26 -30.54 -28.38
N LEU A 153 5.12 -31.04 -27.92
CA LEU A 153 5.11 -32.15 -26.98
C LEU A 153 5.30 -33.48 -27.69
N LEU A 154 6.54 -33.94 -27.75
CA LEU A 154 6.83 -35.23 -28.37
C LEU A 154 6.56 -36.38 -27.39
N ASN A 155 7.46 -36.56 -26.44
CA ASN A 155 7.38 -37.64 -25.48
C ASN A 155 7.70 -37.18 -24.07
N ALA A 156 7.03 -36.10 -23.64
CA ALA A 156 7.29 -35.50 -22.34
C ALA A 156 6.57 -36.25 -21.22
N ASP A 157 7.06 -36.10 -20.00
CA ASP A 157 6.43 -36.73 -18.84
C ASP A 157 5.25 -35.87 -18.39
N LEU A 158 4.05 -36.28 -18.78
CA LEU A 158 2.85 -35.48 -18.57
C LEU A 158 2.44 -35.37 -17.11
N SER A 159 2.82 -36.35 -16.31
CA SER A 159 2.43 -36.36 -14.89
C SER A 159 3.29 -35.40 -14.11
N ARG A 160 4.55 -35.25 -14.53
CA ARG A 160 5.45 -34.28 -13.93
C ARG A 160 5.04 -32.89 -14.41
N LEU A 161 4.77 -32.77 -15.70
CA LEU A 161 4.21 -31.55 -16.23
C LEU A 161 3.02 -31.12 -15.38
N ALA A 162 2.02 -32.00 -15.30
CA ALA A 162 0.81 -31.73 -14.51
C ALA A 162 1.16 -31.40 -13.05
N ASN A 163 2.16 -32.09 -12.52
CA ASN A 163 2.56 -31.91 -11.15
C ASN A 163 3.01 -30.48 -10.86
N TYR A 164 4.12 -30.08 -11.49
CA TYR A 164 4.73 -28.78 -11.21
C TYR A 164 3.88 -27.58 -11.61
N LEU A 165 3.03 -27.76 -12.63
CA LEU A 165 2.12 -26.71 -13.04
C LEU A 165 0.89 -26.62 -12.13
N ASN A 166 0.78 -27.54 -11.19
CA ASN A 166 -0.28 -27.47 -10.18
C ASN A 166 0.26 -26.92 -8.86
N PRO A 167 0.19 -25.59 -8.70
CA PRO A 167 0.79 -24.89 -7.57
C PRO A 167 0.09 -25.22 -6.26
N ASP A 168 0.79 -24.97 -5.15
CA ASP A 168 0.20 -25.08 -3.83
C ASP A 168 -0.96 -24.12 -3.71
N LYS A 169 -1.84 -24.37 -2.75
CA LYS A 169 -3.05 -23.58 -2.59
C LYS A 169 -2.77 -22.34 -1.74
N LYS A 170 -1.84 -21.51 -2.20
CA LYS A 170 -1.44 -20.31 -1.45
C LYS A 170 -2.47 -19.19 -1.55
N LYS A 171 -2.54 -18.35 -0.51
CA LYS A 171 -3.43 -17.19 -0.52
C LYS A 171 -2.71 -15.99 -1.13
N LEU A 172 -2.82 -15.86 -2.44
CA LEU A 172 -2.12 -14.80 -3.16
C LEU A 172 -3.07 -13.87 -3.90
N ALA A 173 -2.78 -12.57 -3.84
CA ALA A 173 -3.47 -11.59 -4.66
C ALA A 173 -2.42 -10.92 -5.52
N ALA A 174 -2.40 -11.24 -6.82
CA ALA A 174 -1.29 -10.80 -7.66
C ALA A 174 -1.72 -10.24 -9.01
N LYS A 175 -1.07 -9.15 -9.42
CA LYS A 175 -1.18 -8.65 -10.77
C LYS A 175 -0.41 -9.60 -11.66
N GLY A 176 -0.42 -9.37 -12.96
CA GLY A 176 0.34 -10.20 -13.90
C GLY A 176 -0.53 -11.17 -14.67
N ILE A 177 0.09 -11.89 -15.59
CA ILE A 177 -0.65 -12.81 -16.46
C ILE A 177 -0.76 -14.20 -15.85
N THR A 178 -1.98 -14.75 -15.89
CA THR A 178 -2.24 -16.09 -15.39
C THR A 178 -2.23 -17.10 -16.54
N SER A 179 -1.89 -18.35 -16.24
CA SER A 179 -1.76 -19.38 -17.26
C SER A 179 -3.11 -19.90 -17.73
N VAL A 180 -3.22 -20.16 -19.03
CA VAL A 180 -4.45 -20.70 -19.61
C VAL A 180 -4.34 -22.22 -19.78
N ARG A 181 -5.19 -22.93 -19.06
CA ARG A 181 -5.12 -24.38 -18.97
C ARG A 181 -5.80 -25.11 -20.14
N SER A 182 -5.00 -25.87 -20.89
CA SER A 182 -5.54 -26.73 -21.94
C SER A 182 -5.29 -28.18 -21.55
N ARG A 183 -5.87 -29.10 -22.30
CA ARG A 183 -5.54 -30.51 -22.15
C ARG A 183 -4.47 -30.86 -23.16
N VAL A 184 -3.32 -31.33 -22.68
CA VAL A 184 -2.20 -31.62 -23.55
C VAL A 184 -2.09 -33.11 -23.82
N THR A 185 -1.32 -33.45 -24.85
CA THR A 185 -0.99 -34.83 -25.14
C THR A 185 0.33 -34.87 -25.89
N ASN A 186 0.97 -36.04 -25.93
CA ASN A 186 2.22 -36.19 -26.66
C ASN A 186 1.98 -36.59 -28.11
N LEU A 187 2.80 -36.06 -29.01
CA LEU A 187 2.68 -36.39 -30.44
C LEU A 187 3.03 -37.85 -30.66
N THR A 188 3.26 -38.55 -29.57
CA THR A 188 3.78 -39.90 -29.63
C THR A 188 2.70 -40.92 -29.99
N GLU A 189 1.45 -40.64 -29.65
CA GLU A 189 0.35 -41.55 -30.01
C GLU A 189 -0.12 -41.36 -31.45
N LEU A 190 0.30 -40.27 -32.08
CA LEU A 190 0.08 -40.07 -33.51
C LEU A 190 1.25 -40.63 -34.30
N LEU A 191 2.45 -40.49 -33.77
CA LEU A 191 3.66 -40.96 -34.44
C LEU A 191 4.62 -41.67 -33.47
N PRO A 192 4.48 -43.00 -33.34
CA PRO A 192 5.28 -43.80 -32.41
C PRO A 192 6.78 -43.68 -32.66
N GLY A 193 7.56 -43.63 -31.59
CA GLY A 193 9.02 -43.60 -31.68
C GLY A 193 9.55 -42.28 -32.18
N ILE A 194 8.72 -41.25 -32.15
CA ILE A 194 9.09 -39.92 -32.63
C ILE A 194 10.19 -39.32 -31.78
N THR A 195 11.32 -38.98 -32.41
CA THR A 195 12.44 -38.38 -31.70
C THR A 195 12.52 -36.88 -31.91
N HIS A 196 13.46 -36.25 -31.20
CA HIS A 196 13.70 -34.83 -31.31
C HIS A 196 14.36 -34.49 -32.64
N GLU A 197 15.48 -35.16 -32.92
CA GLU A 197 16.20 -34.93 -34.17
C GLU A 197 15.35 -35.24 -35.40
N GLN A 198 14.29 -36.03 -35.20
CA GLN A 198 13.32 -36.29 -36.26
C GLN A 198 12.47 -35.04 -36.51
N VAL A 199 11.87 -34.52 -35.44
CA VAL A 199 11.07 -33.31 -35.55
C VAL A 199 11.93 -32.13 -35.98
N CYS A 200 13.20 -32.17 -35.64
CA CYS A 200 14.13 -31.11 -36.05
C CYS A 200 14.28 -31.06 -37.57
N GLU A 201 14.43 -32.22 -38.19
CA GLU A 201 14.57 -32.28 -39.64
C GLU A 201 13.33 -31.70 -40.30
N ALA A 202 12.17 -32.17 -39.84
CA ALA A 202 10.91 -31.68 -40.38
C ALA A 202 10.89 -30.16 -40.42
N ILE A 203 11.01 -29.53 -39.25
CA ILE A 203 10.94 -28.09 -39.15
C ILE A 203 12.04 -27.40 -39.94
N THR A 204 13.21 -28.03 -40.01
CA THR A 204 14.31 -27.50 -40.80
C THR A 204 13.98 -27.55 -42.28
N GLU A 205 13.40 -28.66 -42.72
CA GLU A 205 13.08 -28.86 -44.13
C GLU A 205 12.00 -27.91 -44.60
N ALA A 206 10.92 -27.80 -43.83
CA ALA A 206 9.83 -26.90 -44.16
C ALA A 206 10.36 -25.48 -44.22
N PHE A 207 11.19 -25.14 -43.24
CA PHE A 207 11.82 -23.83 -43.15
C PHE A 207 12.63 -23.57 -44.41
N PHE A 208 13.38 -24.58 -44.84
CA PHE A 208 14.23 -24.47 -46.01
C PHE A 208 13.42 -24.30 -47.29
N ALA A 209 12.30 -25.02 -47.38
CA ALA A 209 11.42 -24.93 -48.53
C ALA A 209 10.81 -23.54 -48.67
N HIS A 210 10.27 -23.03 -47.56
CA HIS A 210 9.62 -21.72 -47.55
C HIS A 210 10.49 -20.62 -48.17
N TYR A 211 11.67 -20.42 -47.61
CA TYR A 211 12.57 -19.37 -48.09
C TYR A 211 13.51 -19.87 -49.19
N GLY A 212 13.19 -21.04 -49.74
CA GLY A 212 13.90 -21.58 -50.88
C GLY A 212 15.42 -21.54 -50.88
N GLU A 213 16.04 -21.79 -49.73
CA GLU A 213 17.49 -21.93 -49.66
C GLU A 213 17.94 -22.79 -48.48
N ARG A 214 19.26 -22.92 -48.30
CA ARG A 214 19.80 -23.79 -47.26
C ARG A 214 21.09 -23.22 -46.65
N VAL A 215 21.49 -23.79 -45.52
CA VAL A 215 22.75 -23.43 -44.87
C VAL A 215 23.13 -24.48 -43.83
N GLU A 216 24.41 -24.83 -43.78
CA GLU A 216 24.89 -25.76 -42.76
C GLU A 216 24.42 -25.29 -41.39
N ALA A 217 23.95 -26.23 -40.57
CA ALA A 217 23.52 -25.92 -39.22
C ALA A 217 24.73 -25.57 -38.34
N GLU A 218 24.54 -24.60 -37.45
CA GLU A 218 25.60 -24.20 -36.53
C GLU A 218 25.27 -24.71 -35.13
N ILE A 219 26.16 -25.54 -34.58
CA ILE A 219 25.90 -26.19 -33.30
C ILE A 219 26.55 -25.45 -32.13
N ILE A 220 25.72 -24.97 -31.22
CA ILE A 220 26.20 -24.25 -30.04
C ILE A 220 26.52 -25.20 -28.90
N SER A 221 27.80 -25.31 -28.56
CA SER A 221 28.25 -26.21 -27.52
C SER A 221 27.71 -25.79 -26.15
N PRO A 222 27.43 -26.77 -25.29
CA PRO A 222 26.96 -26.49 -23.94
C PRO A 222 28.11 -26.18 -22.99
N ASN A 223 29.12 -27.04 -23.00
CA ASN A 223 30.30 -26.82 -22.17
C ASN A 223 31.26 -25.81 -22.80
N LYS A 224 31.04 -24.54 -22.48
CA LYS A 224 31.90 -23.43 -22.93
C LYS A 224 31.07 -22.29 -23.51
N THR A 225 31.58 -21.08 -23.35
CA THR A 225 30.85 -19.87 -23.71
C THR A 225 30.73 -19.65 -25.21
N PRO A 226 29.53 -19.29 -25.69
CA PRO A 226 29.33 -18.90 -27.08
C PRO A 226 30.01 -17.56 -27.34
N ASP A 227 30.62 -17.41 -28.51
CA ASP A 227 31.34 -16.18 -28.83
C ASP A 227 30.38 -15.00 -29.02
N LEU A 228 29.09 -15.31 -29.13
CA LEU A 228 28.08 -14.26 -29.27
C LEU A 228 28.34 -13.12 -28.30
N PRO A 229 28.16 -11.88 -28.77
CA PRO A 229 28.52 -10.70 -28.00
C PRO A 229 27.53 -10.45 -26.87
N ASN A 230 28.04 -9.93 -25.75
CA ASN A 230 27.17 -9.47 -24.67
C ASN A 230 26.60 -10.63 -23.85
N PHE A 231 27.05 -11.84 -24.14
CA PHE A 231 26.49 -13.04 -23.52
C PHE A 231 26.62 -13.05 -22.00
N ALA A 232 27.79 -13.43 -21.50
CA ALA A 232 28.02 -13.54 -20.06
C ALA A 232 27.05 -12.68 -19.26
N GLU A 233 26.85 -11.45 -19.73
CA GLU A 233 25.99 -10.50 -19.03
C GLU A 233 24.52 -10.94 -19.02
N THR A 234 24.02 -11.37 -20.18
CA THR A 234 22.64 -11.83 -20.28
C THR A 234 22.46 -13.10 -19.48
N PHE A 235 23.28 -14.10 -19.79
CA PHE A 235 23.24 -15.37 -19.09
C PHE A 235 23.19 -15.15 -17.58
N ALA A 236 24.11 -14.32 -17.09
CA ALA A 236 24.17 -14.01 -15.66
C ALA A 236 22.86 -13.42 -15.16
N ARG A 237 22.20 -12.62 -16.00
CA ARG A 237 20.93 -12.03 -15.63
C ARG A 237 19.83 -13.08 -15.68
N GLN A 238 19.76 -13.81 -16.79
CA GLN A 238 18.77 -14.86 -16.96
C GLN A 238 18.79 -15.84 -15.81
N SER A 239 19.98 -16.04 -15.24
CA SER A 239 20.18 -17.02 -14.19
C SER A 239 19.84 -16.47 -12.79
N SER A 240 19.60 -15.16 -12.71
CA SER A 240 19.48 -14.49 -11.42
C SER A 240 18.08 -14.59 -10.81
N TRP A 241 18.03 -14.87 -9.52
CA TRP A 241 16.78 -14.92 -8.78
C TRP A 241 16.03 -13.61 -8.99
N GLU A 242 16.77 -12.52 -9.13
CA GLU A 242 16.18 -11.20 -9.35
C GLU A 242 15.29 -11.20 -10.59
N TRP A 243 15.70 -11.90 -11.64
CA TRP A 243 14.90 -11.96 -12.86
C TRP A 243 13.86 -13.06 -12.84
N ASN A 244 14.31 -14.29 -12.63
CA ASN A 244 13.41 -15.44 -12.61
C ASN A 244 12.28 -15.27 -11.61
N PHE A 245 12.62 -14.98 -10.35
CA PHE A 245 11.62 -14.81 -9.32
C PHE A 245 11.28 -13.34 -9.07
N GLY A 246 12.30 -12.49 -9.07
CA GLY A 246 12.14 -11.08 -8.71
C GLY A 246 11.18 -10.27 -9.57
N GLN A 247 11.23 -10.48 -10.88
CA GLN A 247 10.41 -9.71 -11.81
C GLN A 247 8.91 -9.84 -11.54
N ALA A 248 8.56 -10.61 -10.52
CA ALA A 248 7.15 -10.79 -10.16
C ALA A 248 6.45 -9.45 -9.96
N PRO A 249 5.36 -9.21 -10.70
CA PRO A 249 4.54 -8.03 -10.51
C PRO A 249 3.97 -7.99 -9.10
N ALA A 250 3.70 -6.78 -8.61
CA ALA A 250 3.19 -6.60 -7.26
C ALA A 250 2.13 -7.64 -6.93
N PHE A 251 2.26 -8.25 -5.76
CA PHE A 251 1.26 -9.18 -5.26
C PHE A 251 1.32 -9.21 -3.73
N SER A 252 0.27 -9.70 -3.11
CA SER A 252 0.25 -9.85 -1.66
C SER A 252 0.09 -11.32 -1.30
N HIS A 253 0.71 -11.71 -0.19
CA HIS A 253 0.60 -13.07 0.29
C HIS A 253 0.03 -13.09 1.70
N LEU A 254 -1.04 -13.85 1.89
CA LEU A 254 -1.58 -14.07 3.22
C LEU A 254 -1.21 -15.48 3.66
N LEU A 255 -0.42 -15.58 4.73
CA LEU A 255 -0.09 -16.88 5.29
C LEU A 255 -0.53 -17.00 6.75
N ASP A 256 -0.85 -18.23 7.16
CA ASP A 256 -1.35 -18.50 8.50
C ASP A 256 -0.86 -19.84 9.03
N GLU A 257 -0.98 -20.03 10.34
CA GLU A 257 -0.61 -21.30 10.97
C GLU A 257 -0.99 -21.32 12.44
N ARG A 258 -1.38 -22.50 12.93
CA ARG A 258 -1.64 -22.68 14.36
C ARG A 258 -0.38 -23.15 15.07
N PHE A 259 0.05 -22.38 16.06
CA PHE A 259 1.13 -22.81 16.93
C PHE A 259 0.54 -23.04 18.32
N THR A 260 0.93 -24.14 18.94
CA THR A 260 0.39 -24.50 20.25
C THR A 260 0.37 -23.30 21.20
N TRP A 261 1.10 -22.24 20.84
CA TRP A 261 1.08 -21.02 21.64
C TRP A 261 0.07 -20.00 21.11
N GLY A 262 -0.40 -20.20 19.90
CA GLY A 262 -1.40 -19.32 19.31
C GLY A 262 -1.44 -19.34 17.80
N GLY A 263 -2.35 -18.58 17.22
CA GLY A 263 -2.47 -18.48 15.78
C GLY A 263 -1.74 -17.27 15.23
N VAL A 264 -1.05 -17.46 14.11
CA VAL A 264 -0.37 -16.36 13.46
C VAL A 264 -0.78 -16.25 11.99
N GLU A 265 -1.15 -15.04 11.59
CA GLU A 265 -1.43 -14.72 10.20
C GLU A 265 -0.53 -13.58 9.78
N LEU A 266 0.04 -13.68 8.58
CA LEU A 266 0.96 -12.66 8.09
C LEU A 266 0.52 -12.17 6.72
N HIS A 267 0.48 -10.86 6.56
CA HIS A 267 0.19 -10.27 5.26
C HIS A 267 1.45 -9.63 4.70
N PHE A 268 1.77 -9.97 3.45
CA PHE A 268 2.91 -9.38 2.79
C PHE A 268 2.51 -8.65 1.52
N ASP A 269 2.89 -7.38 1.42
CA ASP A 269 2.84 -6.66 0.16
C ASP A 269 4.21 -6.87 -0.46
N VAL A 270 4.24 -7.42 -1.67
CA VAL A 270 5.52 -7.69 -2.32
C VAL A 270 5.66 -6.91 -3.62
N GLU A 271 6.87 -6.46 -3.88
CA GLU A 271 7.15 -5.59 -5.00
C GLU A 271 8.61 -5.82 -5.39
N LYS A 272 8.85 -6.12 -6.66
CA LYS A 272 10.18 -6.50 -7.13
C LYS A 272 10.89 -7.49 -6.19
N GLY A 273 10.14 -8.49 -5.72
CA GLY A 273 10.70 -9.54 -4.90
C GLY A 273 10.84 -9.22 -3.42
N HIS A 274 10.76 -7.94 -3.08
CA HIS A 274 10.96 -7.50 -1.70
C HIS A 274 9.65 -7.20 -0.97
N ILE A 275 9.56 -7.62 0.28
CA ILE A 275 8.42 -7.28 1.12
C ILE A 275 8.42 -5.78 1.38
N THR A 276 7.45 -5.07 0.82
CA THR A 276 7.37 -3.62 1.03
C THR A 276 6.70 -3.30 2.35
N ARG A 277 5.95 -4.25 2.89
CA ARG A 277 5.23 -4.04 4.16
C ARG A 277 4.56 -5.31 4.64
N ALA A 278 4.78 -5.65 5.90
CA ALA A 278 4.21 -6.86 6.49
C ALA A 278 3.36 -6.54 7.72
N GLN A 279 2.31 -7.33 7.95
CA GLN A 279 1.44 -7.16 9.10
C GLN A 279 1.26 -8.49 9.84
N VAL A 280 0.99 -8.42 11.14
CA VAL A 280 0.68 -9.61 11.92
C VAL A 280 -0.64 -9.48 12.66
N PHE A 281 -1.41 -10.56 12.65
CA PHE A 281 -2.60 -10.68 13.48
C PHE A 281 -2.46 -11.98 14.22
N THR A 282 -2.52 -11.91 15.55
CA THR A 282 -2.32 -13.10 16.37
C THR A 282 -3.03 -13.02 17.71
N ASP A 283 -3.41 -14.19 18.21
CA ASP A 283 -4.05 -14.29 19.53
C ASP A 283 -3.04 -14.73 20.58
N SER A 284 -1.75 -14.72 20.20
CA SER A 284 -0.69 -15.07 21.13
C SER A 284 -0.73 -14.14 22.34
N LEU A 285 -0.30 -14.64 23.49
CA LEU A 285 -0.22 -13.82 24.70
C LEU A 285 1.08 -13.04 24.69
N ASN A 286 1.82 -13.16 23.59
CA ASN A 286 3.09 -12.46 23.45
C ASN A 286 3.28 -11.87 22.05
N PRO A 287 2.61 -10.74 21.78
CA PRO A 287 2.69 -10.04 20.51
C PRO A 287 4.02 -9.30 20.36
N ALA A 288 4.58 -8.86 21.47
CA ALA A 288 5.83 -8.10 21.49
C ALA A 288 6.75 -8.38 20.29
N PRO A 289 7.34 -9.58 20.26
CA PRO A 289 8.34 -9.93 19.24
C PRO A 289 7.74 -10.00 17.84
N LEU A 290 6.51 -10.47 17.75
CA LEU A 290 5.86 -10.66 16.46
C LEU A 290 5.49 -9.33 15.83
N GLU A 291 4.95 -8.43 16.65
CA GLU A 291 4.63 -7.09 16.19
C GLU A 291 5.91 -6.35 15.82
N ALA A 292 7.00 -6.69 16.51
CA ALA A 292 8.31 -6.14 16.22
C ALA A 292 8.87 -6.70 14.91
N LEU A 293 8.54 -7.95 14.61
CA LEU A 293 9.02 -8.60 13.40
C LEU A 293 8.43 -7.94 12.16
N ALA A 294 7.11 -7.74 12.18
CA ALA A 294 6.41 -7.17 11.04
C ALA A 294 7.05 -5.87 10.59
N GLY A 295 7.48 -5.07 11.55
CA GLY A 295 8.15 -3.82 11.25
C GLY A 295 9.51 -4.11 10.64
N ARG A 296 10.31 -4.88 11.36
CA ARG A 296 11.67 -5.20 10.96
C ARG A 296 11.71 -5.95 9.63
N LEU A 297 10.58 -6.51 9.25
CA LEU A 297 10.54 -7.39 8.08
C LEU A 297 10.40 -6.61 6.79
N GLN A 298 10.48 -5.28 6.87
CA GLN A 298 10.37 -4.45 5.67
C GLN A 298 11.61 -4.49 4.81
N GLY A 299 11.41 -4.40 3.50
CA GLY A 299 12.52 -4.41 2.54
C GLY A 299 13.15 -5.78 2.40
N CYS A 300 12.74 -6.70 3.27
CA CYS A 300 13.28 -8.05 3.24
C CYS A 300 13.03 -8.75 1.91
N LEU A 301 13.87 -9.74 1.60
CA LEU A 301 13.73 -10.48 0.36
C LEU A 301 12.75 -11.63 0.54
N TYR A 302 11.69 -11.63 -0.25
CA TYR A 302 10.69 -12.70 -0.22
C TYR A 302 11.35 -14.05 -0.50
N ARG A 303 11.97 -14.63 0.53
CA ARG A 303 12.66 -15.90 0.36
C ARG A 303 12.99 -16.53 1.72
N ALA A 304 13.12 -17.84 1.75
CA ALA A 304 13.30 -18.58 3.01
C ALA A 304 14.50 -18.13 3.84
N ASP A 305 15.67 -18.03 3.21
CA ASP A 305 16.89 -17.69 3.94
C ASP A 305 16.79 -16.34 4.63
N MET A 306 16.40 -15.31 3.88
CA MET A 306 16.30 -13.98 4.44
C MET A 306 15.26 -13.95 5.54
N LEU A 307 14.11 -14.55 5.28
CA LEU A 307 13.05 -14.62 6.29
C LEU A 307 13.56 -15.27 7.57
N GLN A 308 14.37 -16.32 7.42
CA GLN A 308 14.93 -16.99 8.58
C GLN A 308 16.04 -16.18 9.24
N GLN A 309 16.71 -15.34 8.46
CA GLN A 309 17.73 -14.45 9.01
C GLN A 309 17.10 -13.43 9.93
N GLU A 310 16.14 -12.68 9.42
CA GLU A 310 15.46 -11.66 10.21
C GLU A 310 14.87 -12.27 11.47
N CYS A 311 14.58 -13.57 11.42
CA CYS A 311 14.05 -14.28 12.57
C CYS A 311 15.11 -14.51 13.64
N GLU A 312 16.20 -15.19 13.26
CA GLU A 312 17.31 -15.39 14.19
C GLU A 312 17.81 -14.07 14.76
N ALA A 313 17.82 -13.04 13.92
CA ALA A 313 18.24 -11.70 14.36
C ALA A 313 17.20 -11.10 15.30
N LEU A 314 16.10 -11.81 15.46
CA LEU A 314 15.03 -11.36 16.36
C LEU A 314 15.18 -12.06 17.71
N LEU A 315 15.60 -13.32 17.68
CA LEU A 315 15.87 -14.06 18.90
C LEU A 315 16.79 -13.28 19.82
N VAL A 316 17.79 -12.66 19.22
CA VAL A 316 18.79 -11.90 19.97
C VAL A 316 18.16 -10.73 20.71
N ASP A 317 16.90 -10.46 20.40
CA ASP A 317 16.19 -9.35 21.03
C ASP A 317 15.06 -9.83 21.95
N PHE A 318 14.56 -11.03 21.68
CA PHE A 318 13.46 -11.60 22.46
C PHE A 318 13.75 -13.04 22.85
N PRO A 319 14.76 -13.25 23.70
CA PRO A 319 15.20 -14.60 24.08
C PRO A 319 14.15 -15.37 24.88
N GLU A 320 13.31 -14.65 25.61
CA GLU A 320 12.26 -15.28 26.42
C GLU A 320 11.32 -16.11 25.55
N GLN A 321 11.39 -15.92 24.24
CA GLN A 321 10.57 -16.69 23.31
C GLN A 321 11.40 -17.32 22.20
N GLU A 322 12.59 -17.80 22.55
CA GLU A 322 13.47 -18.44 21.58
C GLU A 322 12.77 -19.66 20.98
N LYS A 323 12.09 -20.42 21.82
CA LYS A 323 11.38 -21.61 21.36
C LYS A 323 10.38 -21.29 20.26
N GLU A 324 9.48 -20.35 20.53
CA GLU A 324 8.43 -20.00 19.57
C GLU A 324 9.00 -19.51 18.25
N LEU A 325 9.74 -18.41 18.31
CA LEU A 325 10.31 -17.81 17.11
C LEU A 325 11.11 -18.84 16.31
N ARG A 326 11.38 -19.99 16.93
CA ARG A 326 12.08 -21.06 16.26
C ARG A 326 11.12 -21.77 15.33
N GLU A 327 9.94 -22.10 15.86
CA GLU A 327 8.88 -22.70 15.05
C GLU A 327 8.41 -21.72 14.00
N LEU A 328 8.24 -20.47 14.41
CA LEU A 328 7.81 -19.43 13.49
C LEU A 328 8.67 -19.45 12.25
N SER A 329 9.95 -19.15 12.40
CA SER A 329 10.88 -19.16 11.28
C SER A 329 10.75 -20.47 10.49
N ALA A 330 10.66 -21.58 11.20
CA ALA A 330 10.54 -22.89 10.58
C ALA A 330 9.33 -22.94 9.65
N TRP A 331 8.17 -22.58 10.18
CA TRP A 331 6.94 -22.57 9.40
C TRP A 331 7.01 -21.54 8.28
N MET A 332 7.51 -20.36 8.62
CA MET A 332 7.54 -19.24 7.70
C MET A 332 8.39 -19.52 6.47
N ALA A 333 9.50 -20.23 6.67
CA ALA A 333 10.43 -20.53 5.58
C ALA A 333 9.80 -21.44 4.52
N GLY A 334 9.05 -22.43 4.97
CA GLY A 334 8.40 -23.35 4.04
C GLY A 334 7.18 -22.72 3.38
N ALA A 335 6.48 -21.89 4.14
CA ALA A 335 5.24 -21.27 3.67
C ALA A 335 5.40 -20.49 2.37
N VAL A 336 6.57 -19.88 2.19
CA VAL A 336 6.82 -19.05 1.00
C VAL A 336 7.63 -19.79 -0.05
N ARG A 337 7.95 -21.04 0.24
CA ARG A 337 8.78 -21.83 -0.65
C ARG A 337 7.97 -22.31 -1.86
N ASN B 2 -7.03 10.69 -37.57
CA ASN B 2 -6.92 10.95 -36.11
C ASN B 2 -5.48 10.92 -35.60
N VAL B 3 -4.94 12.10 -35.28
CA VAL B 3 -3.59 12.22 -34.74
C VAL B 3 -3.41 13.59 -34.09
N PRO B 4 -3.78 13.71 -32.81
CA PRO B 4 -3.74 14.97 -32.09
C PRO B 4 -2.65 15.90 -32.63
N ALA B 5 -3.06 16.98 -33.29
CA ALA B 5 -2.13 17.86 -33.99
C ALA B 5 -1.17 18.61 -33.07
N GLU B 6 -1.52 18.68 -31.78
CA GLU B 6 -0.72 19.45 -30.82
C GLU B 6 0.42 18.66 -30.19
N LEU B 7 0.55 17.39 -30.56
CA LEU B 7 1.56 16.52 -29.96
C LEU B 7 2.71 16.18 -30.92
N LYS B 8 3.90 16.00 -30.37
CA LYS B 8 5.05 15.52 -31.13
C LYS B 8 5.03 14.00 -31.19
N TYR B 9 5.74 13.44 -32.16
CA TYR B 9 5.75 11.99 -32.35
C TYR B 9 7.13 11.45 -32.70
N SER B 10 7.27 10.12 -32.65
CA SER B 10 8.54 9.48 -32.95
C SER B 10 8.41 8.33 -33.95
N LYS B 11 9.53 7.73 -34.32
CA LYS B 11 9.55 6.60 -35.25
C LYS B 11 8.86 5.38 -34.65
N GLU B 12 9.07 5.16 -33.36
CA GLU B 12 8.56 3.99 -32.68
C GLU B 12 7.09 4.14 -32.29
N HIS B 13 6.43 5.12 -32.89
CA HIS B 13 4.99 5.32 -32.70
C HIS B 13 4.61 5.73 -31.27
N GLU B 14 5.39 6.63 -30.68
CA GLU B 14 5.05 7.20 -29.37
C GLU B 14 4.61 8.65 -29.52
N TRP B 15 3.84 9.13 -28.54
CA TRP B 15 3.40 10.52 -28.52
C TRP B 15 3.85 11.23 -27.25
N LEU B 16 4.43 12.41 -27.40
CA LEU B 16 4.88 13.20 -26.26
C LEU B 16 3.97 14.40 -26.03
N ARG B 17 3.65 14.67 -24.77
CA ARG B 17 2.91 15.87 -24.43
C ARG B 17 3.68 16.73 -23.45
N LYS B 18 4.03 17.94 -23.89
CA LYS B 18 4.69 18.92 -23.03
C LYS B 18 3.73 19.38 -21.95
N GLU B 19 4.00 18.98 -20.70
CA GLU B 19 3.16 19.35 -19.57
C GLU B 19 3.56 20.72 -19.04
N ALA B 20 2.56 21.58 -18.84
CA ALA B 20 2.81 22.94 -18.37
C ALA B 20 3.98 23.01 -17.39
N ASP B 21 3.94 22.15 -16.37
CA ASP B 21 4.95 22.15 -15.32
C ASP B 21 6.32 21.66 -15.81
N GLY B 22 6.60 21.89 -17.09
CA GLY B 22 7.90 21.57 -17.65
C GLY B 22 8.20 20.09 -17.81
N THR B 23 7.32 19.25 -17.28
CA THR B 23 7.52 17.79 -17.35
C THR B 23 7.08 17.22 -18.69
N TYR B 24 7.02 15.90 -18.79
CA TYR B 24 6.67 15.22 -20.04
C TYR B 24 5.88 13.93 -19.83
N THR B 25 4.69 13.87 -20.44
CA THR B 25 3.89 12.64 -20.42
C THR B 25 4.10 11.86 -21.71
N VAL B 26 4.13 10.54 -21.61
CA VAL B 26 4.37 9.69 -22.77
C VAL B 26 3.36 8.55 -22.88
N GLY B 27 3.05 8.16 -24.12
CA GLY B 27 2.14 7.06 -24.38
C GLY B 27 2.29 6.58 -25.81
N ILE B 28 1.47 5.62 -26.22
CA ILE B 28 1.53 5.09 -27.58
C ILE B 28 0.40 5.61 -28.45
N THR B 29 0.71 5.89 -29.70
CA THR B 29 -0.25 6.44 -30.64
C THR B 29 -1.38 5.47 -30.98
N GLU B 30 -2.58 6.02 -31.18
CA GLU B 30 -3.74 5.23 -31.58
C GLU B 30 -3.33 4.12 -32.53
N HIS B 31 -2.80 4.51 -33.69
CA HIS B 31 -2.37 3.57 -34.70
C HIS B 31 -1.60 2.40 -34.10
N ALA B 32 -0.67 2.72 -33.20
CA ALA B 32 0.20 1.72 -32.60
C ALA B 32 -0.57 0.71 -31.74
N GLN B 33 -1.47 1.21 -30.92
CA GLN B 33 -2.23 0.35 -30.01
C GLN B 33 -3.29 -0.47 -30.75
N GLU B 34 -3.59 -0.08 -31.98
CA GLU B 34 -4.49 -0.88 -32.81
C GLU B 34 -3.76 -2.08 -33.40
N LEU B 35 -2.51 -1.87 -33.78
CA LEU B 35 -1.67 -2.92 -34.35
C LEU B 35 -1.34 -3.96 -33.28
N LEU B 36 -0.93 -3.49 -32.11
CA LEU B 36 -0.61 -4.37 -30.99
C LEU B 36 -1.78 -5.31 -30.69
N GLY B 37 -2.79 -4.79 -30.01
CA GLY B 37 -3.97 -5.57 -29.67
C GLY B 37 -4.42 -5.35 -28.24
N ASP B 38 -5.54 -5.96 -27.88
CA ASP B 38 -6.07 -5.82 -26.52
C ASP B 38 -4.95 -5.99 -25.49
N MET B 39 -4.67 -4.92 -24.76
CA MET B 39 -3.60 -4.90 -23.78
C MET B 39 -3.98 -5.70 -22.54
N VAL B 40 -3.06 -6.53 -22.06
CA VAL B 40 -3.34 -7.36 -20.89
C VAL B 40 -2.39 -7.05 -19.72
N PHE B 41 -1.22 -6.50 -20.04
CA PHE B 41 -0.28 -6.09 -19.00
C PHE B 41 0.78 -5.14 -19.56
N VAL B 42 1.02 -4.05 -18.83
CA VAL B 42 2.05 -3.09 -19.22
C VAL B 42 3.18 -3.10 -18.20
N ASP B 43 4.38 -3.48 -18.63
CA ASP B 43 5.53 -3.51 -17.75
C ASP B 43 6.12 -2.11 -17.64
N LEU B 44 5.80 -1.43 -16.54
CA LEU B 44 6.22 -0.05 -16.34
C LEU B 44 7.69 0.00 -15.92
N PRO B 45 8.39 1.08 -16.33
CA PRO B 45 9.79 1.26 -15.96
C PRO B 45 9.92 1.62 -14.49
N GLU B 46 11.11 1.41 -13.94
CA GLU B 46 11.39 1.72 -12.54
C GLU B 46 11.12 3.20 -12.26
N VAL B 47 10.38 3.47 -11.19
CA VAL B 47 10.06 4.85 -10.80
C VAL B 47 11.32 5.56 -10.32
N GLY B 48 11.74 6.58 -11.05
CA GLY B 48 12.98 7.29 -10.74
C GLY B 48 14.18 6.59 -11.35
N ALA B 49 14.18 6.48 -12.67
CA ALA B 49 15.26 5.81 -13.39
C ALA B 49 15.79 6.70 -14.51
N THR B 50 17.12 6.73 -14.64
CA THR B 50 17.76 7.53 -15.68
C THR B 50 17.79 6.75 -17.00
N VAL B 51 17.00 7.22 -17.97
CA VAL B 51 16.90 6.55 -19.25
C VAL B 51 17.47 7.39 -20.39
N SER B 52 17.76 6.74 -21.51
CA SER B 52 18.26 7.42 -22.70
C SER B 52 17.28 7.27 -23.86
N ALA B 53 17.30 8.23 -24.78
CA ALA B 53 16.43 8.19 -25.94
C ALA B 53 16.77 7.00 -26.83
N GLY B 54 15.74 6.30 -27.31
CA GLY B 54 15.94 5.10 -28.11
C GLY B 54 16.05 3.87 -27.23
N ASP B 55 16.16 4.10 -25.92
CA ASP B 55 16.26 3.02 -24.95
C ASP B 55 14.89 2.41 -24.62
N ASP B 56 14.79 1.09 -24.72
CA ASP B 56 13.59 0.40 -24.28
C ASP B 56 13.44 0.57 -22.78
N CYS B 57 12.32 1.15 -22.37
CA CYS B 57 12.09 1.46 -20.95
C CYS B 57 10.78 0.88 -20.44
N ALA B 58 10.09 0.12 -21.30
CA ALA B 58 8.85 -0.52 -20.91
C ALA B 58 8.45 -1.57 -21.95
N VAL B 59 7.73 -2.59 -21.50
CA VAL B 59 7.29 -3.66 -22.40
C VAL B 59 5.78 -3.83 -22.32
N ALA B 60 5.11 -3.70 -23.47
CA ALA B 60 3.68 -3.87 -23.53
C ALA B 60 3.35 -5.30 -23.94
N GLU B 61 2.59 -6.00 -23.10
CA GLU B 61 2.15 -7.34 -23.43
C GLU B 61 0.67 -7.36 -23.80
N SER B 62 0.40 -7.45 -25.10
CA SER B 62 -0.96 -7.59 -25.59
C SER B 62 -1.21 -9.04 -26.00
N VAL B 63 -2.47 -9.46 -25.96
CA VAL B 63 -2.83 -10.81 -26.37
C VAL B 63 -2.02 -11.23 -27.58
N LYS B 64 -1.56 -10.25 -28.34
CA LYS B 64 -0.90 -10.51 -29.62
C LYS B 64 0.62 -10.69 -29.48
N ALA B 65 1.22 -10.05 -28.50
CA ALA B 65 2.66 -10.18 -28.30
C ALA B 65 3.22 -9.29 -27.20
N ALA B 66 4.47 -9.55 -26.83
CA ALA B 66 5.22 -8.68 -25.93
C ALA B 66 5.98 -7.65 -26.76
N SER B 67 5.43 -6.44 -26.84
CA SER B 67 6.00 -5.40 -27.69
C SER B 67 6.90 -4.45 -26.91
N ASP B 68 7.95 -3.97 -27.58
CA ASP B 68 8.86 -3.02 -26.97
C ASP B 68 8.34 -1.59 -27.08
N ILE B 69 8.60 -0.81 -26.04
CA ILE B 69 8.24 0.59 -26.01
C ILE B 69 9.44 1.40 -25.59
N TYR B 70 9.84 2.34 -26.44
CA TYR B 70 11.08 3.11 -26.24
C TYR B 70 10.80 4.53 -25.76
N ALA B 71 11.76 5.08 -25.03
CA ALA B 71 11.68 6.48 -24.61
C ALA B 71 12.25 7.37 -25.71
N PRO B 72 11.42 8.28 -26.23
CA PRO B 72 11.81 9.19 -27.31
C PRO B 72 12.93 10.14 -26.89
N VAL B 73 12.87 10.60 -25.64
CA VAL B 73 13.84 11.58 -25.14
C VAL B 73 14.48 11.13 -23.83
N SER B 74 15.80 11.30 -23.73
CA SER B 74 16.54 10.93 -22.54
C SER B 74 16.05 11.70 -21.32
N GLY B 75 16.36 11.20 -20.13
CA GLY B 75 16.03 11.93 -18.91
C GLY B 75 15.65 11.08 -17.70
N GLU B 76 15.02 11.75 -16.74
CA GLU B 76 14.65 11.12 -15.46
C GLU B 76 13.22 10.61 -15.50
N ILE B 77 13.04 9.34 -15.15
CA ILE B 77 11.70 8.76 -15.06
C ILE B 77 10.96 9.36 -13.87
N VAL B 78 10.06 10.31 -14.15
CA VAL B 78 9.32 11.00 -13.10
C VAL B 78 8.25 10.10 -12.48
N ALA B 79 7.19 9.84 -13.23
CA ALA B 79 6.09 9.02 -12.72
C ALA B 79 5.71 7.88 -13.65
N VAL B 80 4.86 6.99 -13.15
CA VAL B 80 4.35 5.87 -13.93
C VAL B 80 2.84 5.75 -13.69
N ASN B 81 2.10 5.41 -14.73
CA ASN B 81 0.66 5.32 -14.61
C ASN B 81 0.21 3.98 -14.03
N ASP B 82 0.54 3.75 -12.76
CA ASP B 82 0.15 2.51 -12.11
C ASP B 82 -1.36 2.39 -11.97
N ALA B 83 -2.07 3.02 -12.90
CA ALA B 83 -3.49 2.80 -13.06
C ALA B 83 -3.66 1.71 -14.11
N LEU B 84 -2.63 1.57 -14.95
CA LEU B 84 -2.60 0.54 -15.98
C LEU B 84 -2.39 -0.84 -15.39
N SER B 85 -1.64 -0.89 -14.29
CA SER B 85 -1.40 -2.15 -13.59
C SER B 85 -2.72 -2.72 -13.05
N ASP B 86 -3.82 -2.22 -13.59
CA ASP B 86 -5.16 -2.66 -13.18
C ASP B 86 -6.14 -2.61 -14.35
N SER B 87 -5.92 -1.66 -15.26
CA SER B 87 -6.81 -1.50 -16.41
C SER B 87 -6.03 -1.27 -17.69
N PRO B 88 -5.12 -2.20 -18.02
CA PRO B 88 -4.30 -2.09 -19.22
C PRO B 88 -5.12 -1.81 -20.48
N GLU B 89 -6.42 -2.09 -20.43
CA GLU B 89 -7.29 -1.83 -21.57
C GLU B 89 -7.29 -0.34 -21.89
N LEU B 90 -7.01 0.49 -20.88
CA LEU B 90 -6.98 1.93 -21.05
C LEU B 90 -6.05 2.34 -22.19
N VAL B 91 -5.02 1.53 -22.44
CA VAL B 91 -4.09 1.81 -23.53
C VAL B 91 -4.78 1.68 -24.89
N ASN B 92 -5.78 0.81 -24.96
CA ASN B 92 -6.56 0.64 -26.18
C ASN B 92 -7.64 1.71 -26.31
N SER B 93 -8.37 1.93 -25.23
CA SER B 93 -9.49 2.85 -25.24
C SER B 93 -9.05 4.32 -25.30
N GLU B 94 -8.05 4.66 -24.50
CA GLU B 94 -7.63 6.05 -24.37
C GLU B 94 -6.12 6.21 -24.53
N PRO B 95 -5.61 5.88 -25.73
CA PRO B 95 -4.17 5.93 -25.99
C PRO B 95 -3.57 7.29 -25.64
N TYR B 96 -4.38 8.35 -25.72
CA TYR B 96 -3.89 9.69 -25.44
C TYR B 96 -4.41 10.20 -24.10
N ALA B 97 -5.47 9.58 -23.60
CA ALA B 97 -6.10 10.02 -22.36
C ALA B 97 -5.57 9.25 -21.13
N GLY B 98 -6.32 8.24 -20.71
CA GLY B 98 -5.96 7.46 -19.53
C GLY B 98 -4.89 6.42 -19.78
N GLY B 99 -4.65 6.11 -21.05
CA GLY B 99 -3.64 5.12 -21.43
C GLY B 99 -2.24 5.72 -21.55
N TRP B 100 -1.94 6.68 -20.70
CA TRP B 100 -0.60 7.26 -20.67
C TRP B 100 0.31 6.36 -19.84
N ILE B 101 1.50 6.11 -20.36
CA ILE B 101 2.40 5.13 -19.77
C ILE B 101 3.25 5.72 -18.64
N PHE B 102 4.06 6.73 -18.96
CA PHE B 102 4.91 7.34 -17.96
C PHE B 102 5.20 8.80 -18.27
N LYS B 103 5.84 9.47 -17.32
CA LYS B 103 6.27 10.85 -17.48
C LYS B 103 7.79 10.91 -17.37
N ILE B 104 8.38 12.07 -17.70
CA ILE B 104 9.82 12.20 -17.66
C ILE B 104 10.31 13.65 -17.73
N LYS B 105 11.58 13.83 -17.38
CA LYS B 105 12.26 15.12 -17.52
C LYS B 105 13.31 14.98 -18.63
N ALA B 106 13.19 15.81 -19.66
CA ALA B 106 14.12 15.74 -20.79
C ALA B 106 15.48 16.33 -20.44
N SER B 107 16.40 15.48 -19.97
CA SER B 107 17.73 15.91 -19.59
C SER B 107 18.38 16.77 -20.67
N ASP B 108 18.48 16.22 -21.87
CA ASP B 108 19.03 16.94 -23.01
C ASP B 108 17.93 17.17 -24.05
N GLU B 109 17.51 18.42 -24.19
CA GLU B 109 16.36 18.75 -25.02
C GLU B 109 16.72 19.05 -26.48
N SER B 110 17.97 18.78 -26.85
CA SER B 110 18.38 18.91 -28.23
C SER B 110 17.79 17.76 -29.06
N GLU B 111 17.10 16.86 -28.36
CA GLU B 111 16.47 15.70 -28.99
C GLU B 111 15.13 16.09 -29.61
N LEU B 112 14.41 16.99 -28.94
CA LEU B 112 13.17 17.53 -29.48
C LEU B 112 13.40 18.07 -30.88
N GLU B 113 14.47 18.82 -31.05
CA GLU B 113 14.84 19.39 -32.34
C GLU B 113 14.71 18.38 -33.48
N SER B 114 15.19 17.17 -33.25
CA SER B 114 15.20 16.15 -34.30
C SER B 114 14.07 15.12 -34.15
N LEU B 115 12.84 15.61 -34.06
CA LEU B 115 11.66 14.73 -34.02
C LEU B 115 10.66 15.11 -35.10
N LEU B 116 9.48 14.51 -35.02
CA LEU B 116 8.44 14.75 -36.03
C LEU B 116 7.20 15.40 -35.42
N ASP B 117 6.64 16.36 -36.15
CA ASP B 117 5.40 17.01 -35.71
C ASP B 117 4.19 16.17 -36.12
N ALA B 118 3.00 16.72 -35.91
CA ALA B 118 1.77 16.01 -36.24
C ALA B 118 1.70 15.64 -37.72
N THR B 119 1.59 16.65 -38.57
CA THR B 119 1.47 16.42 -40.01
C THR B 119 2.59 15.55 -40.55
N ALA B 120 3.72 15.53 -39.84
CA ALA B 120 4.87 14.72 -40.25
C ALA B 120 4.68 13.27 -39.84
N TYR B 121 3.61 12.98 -39.11
CA TYR B 121 3.33 11.63 -38.66
C TYR B 121 2.54 10.85 -39.71
N GLU B 122 1.45 11.43 -40.21
CA GLU B 122 0.68 10.79 -41.28
C GLU B 122 1.57 10.49 -42.47
N ALA B 123 2.48 11.41 -42.76
CA ALA B 123 3.43 11.25 -43.85
C ALA B 123 4.26 9.98 -43.65
N LEU B 124 4.43 9.60 -42.40
CA LEU B 124 5.16 8.39 -42.06
C LEU B 124 4.22 7.18 -42.05
N LEU B 125 2.95 7.44 -41.77
CA LEU B 125 1.95 6.36 -41.66
C LEU B 125 1.61 5.74 -43.00
N GLU B 126 1.59 6.55 -44.05
CA GLU B 126 1.23 6.06 -45.39
C GLU B 126 2.38 5.29 -46.04
N ASP B 127 3.37 4.95 -45.22
CA ASP B 127 4.48 4.09 -45.66
C ASP B 127 4.75 3.01 -44.62
N GLU B 128 5.12 3.45 -43.42
CA GLU B 128 5.35 2.54 -42.29
C GLU B 128 4.07 2.35 -41.49
N SER C 1 -13.64 40.16 30.76
CA SER C 1 -13.11 40.80 31.99
C SER C 1 -11.73 40.27 32.33
N THR C 2 -11.68 39.06 32.86
CA THR C 2 -10.41 38.37 33.20
C THR C 2 -10.54 36.85 33.36
N LEU C 3 -11.62 36.41 34.01
CA LEU C 3 -11.89 34.98 34.19
C LEU C 3 -13.26 34.61 33.64
N ARG C 4 -13.29 33.70 32.68
CA ARG C 4 -14.54 33.25 32.09
C ARG C 4 -14.99 31.96 32.79
N LEU C 5 -16.30 31.71 32.76
CA LEU C 5 -16.87 30.53 33.39
C LEU C 5 -18.16 30.13 32.69
N LEU C 6 -18.12 29.04 31.93
CA LEU C 6 -19.30 28.60 31.20
C LEU C 6 -19.89 27.31 31.74
N ILE C 7 -21.21 27.16 31.59
CA ILE C 7 -21.92 25.97 32.06
C ILE C 7 -22.85 25.47 30.97
N SER C 8 -22.75 24.18 30.66
CA SER C 8 -23.54 23.60 29.58
C SER C 8 -24.80 22.89 30.09
N ASP C 9 -25.94 23.26 29.50
CA ASP C 9 -27.19 22.57 29.76
C ASP C 9 -27.48 21.61 28.61
N SER C 10 -26.43 21.28 27.86
CA SER C 10 -26.53 20.32 26.77
C SER C 10 -25.80 19.03 27.11
N TYR C 11 -26.39 17.92 26.68
CA TYR C 11 -25.79 16.60 26.92
C TYR C 11 -25.40 15.96 25.59
N ASP C 12 -25.13 16.81 24.61
CA ASP C 12 -24.70 16.37 23.29
C ASP C 12 -23.22 16.65 23.14
N PRO C 13 -22.39 15.60 23.25
CA PRO C 13 -20.94 15.77 23.27
C PRO C 13 -20.43 16.48 22.02
N TRP C 14 -21.10 16.29 20.90
CA TRP C 14 -20.76 17.02 19.70
C TRP C 14 -20.92 18.52 19.95
N PHE C 15 -22.04 18.88 20.57
CA PHE C 15 -22.31 20.26 20.94
C PHE C 15 -21.24 20.79 21.89
N ASN C 16 -21.08 20.10 23.02
CA ASN C 16 -20.11 20.50 24.03
C ASN C 16 -18.68 20.61 23.50
N LEU C 17 -18.26 19.61 22.73
CA LEU C 17 -16.90 19.57 22.20
C LEU C 17 -16.63 20.73 21.26
N ALA C 18 -17.65 21.14 20.51
CA ALA C 18 -17.55 22.29 19.64
C ALA C 18 -17.48 23.55 20.50
N VAL C 19 -18.48 23.73 21.35
CA VAL C 19 -18.46 24.82 22.31
C VAL C 19 -17.05 24.96 22.86
N GLU C 20 -16.48 23.83 23.27
CA GLU C 20 -15.15 23.80 23.88
C GLU C 20 -14.09 24.36 22.94
N GLU C 21 -14.12 23.94 21.68
CA GLU C 21 -13.09 24.38 20.73
C GLU C 21 -13.19 25.87 20.48
N CYS C 22 -14.39 26.33 20.09
CA CYS C 22 -14.61 27.74 19.82
C CYS C 22 -14.12 28.61 20.96
N ILE C 23 -14.63 28.37 22.16
CA ILE C 23 -14.15 29.07 23.36
C ILE C 23 -12.62 29.14 23.32
N PHE C 24 -12.00 27.97 23.23
CA PHE C 24 -10.56 27.82 23.26
C PHE C 24 -9.86 28.56 22.11
N ARG C 25 -10.48 28.53 20.94
CA ARG C 25 -9.87 29.07 19.72
C ARG C 25 -9.97 30.59 19.65
N GLN C 26 -11.08 31.15 20.13
CA GLN C 26 -11.29 32.59 20.09
C GLN C 26 -11.10 33.22 21.47
N MET C 27 -10.38 32.52 22.34
CA MET C 27 -10.16 33.00 23.70
C MET C 27 -9.05 34.05 23.76
N PRO C 28 -9.29 35.14 24.52
CA PRO C 28 -8.27 36.15 24.78
C PRO C 28 -7.02 35.53 25.38
N ALA C 29 -5.91 36.28 25.35
CA ALA C 29 -4.60 35.74 25.71
C ALA C 29 -4.39 35.56 27.22
N THR C 30 -4.62 36.62 27.99
CA THR C 30 -4.46 36.53 29.43
C THR C 30 -5.75 36.10 30.13
N GLN C 31 -6.53 35.29 29.44
CA GLN C 31 -7.80 34.81 29.98
C GLN C 31 -7.69 33.36 30.47
N ARG C 32 -8.33 33.08 31.59
CA ARG C 32 -8.41 31.71 32.12
C ARG C 32 -9.87 31.24 32.14
N VAL C 33 -10.13 30.11 31.49
CA VAL C 33 -11.49 29.61 31.36
C VAL C 33 -11.71 28.33 32.16
N LEU C 34 -12.93 28.14 32.63
CA LEU C 34 -13.35 26.88 33.21
C LEU C 34 -14.67 26.47 32.57
N PHE C 35 -14.64 25.32 31.90
CA PHE C 35 -15.82 24.78 31.23
C PHE C 35 -16.31 23.54 31.95
N LEU C 36 -17.48 23.65 32.57
CA LEU C 36 -18.11 22.54 33.26
C LEU C 36 -19.24 21.98 32.42
N TRP C 37 -19.15 20.70 32.08
CA TRP C 37 -20.08 20.07 31.16
C TRP C 37 -20.12 18.57 31.37
N ARG C 38 -21.16 17.93 30.86
CA ARG C 38 -21.23 16.48 30.86
C ARG C 38 -22.04 15.96 29.68
N ASN C 39 -21.80 14.70 29.32
CA ASN C 39 -22.42 14.11 28.15
C ASN C 39 -23.27 12.90 28.52
N ALA C 40 -24.26 12.61 27.68
CA ALA C 40 -25.14 11.47 27.90
C ALA C 40 -24.72 10.31 27.00
N ASP C 41 -24.86 9.10 27.51
CA ASP C 41 -24.51 7.90 26.75
C ASP C 41 -23.56 8.26 25.61
N THR C 42 -22.29 8.45 25.94
CA THR C 42 -21.29 8.85 24.97
C THR C 42 -19.98 8.15 25.23
N VAL C 43 -19.21 7.93 24.16
CA VAL C 43 -17.83 7.45 24.30
C VAL C 43 -16.89 8.43 23.60
N VAL C 44 -15.92 8.94 24.35
CA VAL C 44 -15.00 9.93 23.81
C VAL C 44 -13.60 9.36 23.61
N ILE C 45 -13.18 9.28 22.35
CA ILE C 45 -11.87 8.78 22.02
C ILE C 45 -10.89 9.91 21.70
N GLY C 46 -9.61 9.67 21.97
CA GLY C 46 -8.56 10.62 21.65
C GLY C 46 -8.47 10.87 20.16
N ARG C 47 -7.77 11.93 19.77
CA ARG C 47 -7.73 12.34 18.37
C ARG C 47 -7.05 11.33 17.47
N ALA C 48 -6.11 10.58 18.00
CA ALA C 48 -5.31 9.67 17.17
C ALA C 48 -5.74 8.20 17.30
N GLN C 49 -6.96 7.98 17.77
CA GLN C 49 -7.42 6.62 18.06
C GLN C 49 -8.26 5.99 16.96
N ASN C 50 -8.20 4.67 16.90
CA ASN C 50 -9.05 3.89 16.03
C ASN C 50 -10.18 3.30 16.87
N PRO C 51 -11.41 3.80 16.66
CA PRO C 51 -12.54 3.47 17.52
C PRO C 51 -12.90 1.98 17.49
N TRP C 52 -12.94 1.41 16.30
CA TRP C 52 -13.29 0.01 16.13
C TRP C 52 -12.36 -0.87 16.96
N LYS C 53 -11.12 -0.43 17.11
CA LYS C 53 -10.14 -1.13 17.93
C LYS C 53 -10.37 -0.84 19.41
N GLU C 54 -10.79 0.39 19.71
CA GLU C 54 -10.80 0.87 21.08
C GLU C 54 -12.13 0.74 21.82
N CYS C 55 -13.19 0.31 21.13
CA CYS C 55 -14.47 0.15 21.80
C CYS C 55 -15.52 -0.62 21.00
N ASN C 56 -16.49 -1.18 21.70
CA ASN C 56 -17.47 -2.06 21.09
C ASN C 56 -18.50 -1.26 20.30
N THR C 57 -18.08 -0.73 19.15
CA THR C 57 -18.90 0.14 18.32
C THR C 57 -20.28 -0.43 18.00
N ARG C 58 -20.35 -1.71 17.68
CA ARG C 58 -21.65 -2.33 17.37
C ARG C 58 -22.62 -2.13 18.53
N ARG C 59 -22.21 -2.52 19.73
CA ARG C 59 -23.06 -2.34 20.90
C ARG C 59 -23.48 -0.88 21.07
N MET C 60 -22.58 0.03 20.69
CA MET C 60 -22.86 1.46 20.78
C MET C 60 -23.94 1.87 19.77
N GLU C 61 -23.70 1.52 18.51
CA GLU C 61 -24.64 1.81 17.44
C GLU C 61 -25.98 1.17 17.76
N GLU C 62 -25.92 0.11 18.57
CA GLU C 62 -27.09 -0.69 18.89
C GLU C 62 -27.85 -0.02 20.02
N ASP C 63 -27.12 0.50 21.00
CA ASP C 63 -27.71 1.12 22.18
C ASP C 63 -27.77 2.64 22.05
N ASN C 64 -27.77 3.14 20.82
CA ASN C 64 -27.75 4.58 20.59
C ASN C 64 -26.76 5.27 21.51
N VAL C 65 -25.49 4.89 21.40
CA VAL C 65 -24.45 5.54 22.16
C VAL C 65 -23.56 6.36 21.24
N ARG C 66 -23.50 7.67 21.52
CA ARG C 66 -22.82 8.63 20.67
C ARG C 66 -21.31 8.53 20.78
N LEU C 67 -20.65 8.30 19.66
CA LEU C 67 -19.19 8.30 19.61
C LEU C 67 -18.68 9.68 19.19
N ALA C 68 -17.87 10.30 20.05
CA ALA C 68 -17.33 11.61 19.77
C ALA C 68 -15.83 11.63 19.91
N ARG C 69 -15.13 11.93 18.83
CA ARG C 69 -13.69 12.07 18.85
C ARG C 69 -13.32 13.46 19.36
N ARG C 70 -12.36 13.54 20.28
CA ARG C 70 -11.92 14.82 20.82
C ARG C 70 -10.63 15.29 20.16
N SER C 71 -10.25 16.53 20.45
CA SER C 71 -9.10 17.16 19.80
C SER C 71 -7.80 17.00 20.59
N SER C 72 -7.92 16.48 21.80
CA SER C 72 -6.75 16.19 22.63
C SER C 72 -6.26 14.78 22.34
N GLY C 73 -5.12 14.42 22.92
CA GLY C 73 -4.61 13.06 22.79
C GLY C 73 -5.29 12.14 23.78
N GLY C 74 -4.76 10.93 23.95
CA GLY C 74 -5.25 10.02 24.98
C GLY C 74 -6.16 8.93 24.46
N GLY C 75 -6.63 8.09 25.39
CA GLY C 75 -7.44 6.93 25.04
C GLY C 75 -8.94 7.19 25.14
N ALA C 76 -9.70 6.12 25.26
CA ALA C 76 -11.16 6.23 25.21
C ALA C 76 -11.83 6.14 26.58
N VAL C 77 -12.76 7.05 26.84
CA VAL C 77 -13.51 7.04 28.09
C VAL C 77 -15.02 6.99 27.82
N PHE C 78 -15.78 6.64 28.84
CA PHE C 78 -17.24 6.53 28.71
C PHE C 78 -17.96 7.60 29.54
N HIS C 79 -18.99 8.21 28.95
CA HIS C 79 -19.72 9.29 29.63
C HIS C 79 -21.22 9.09 29.73
N ASP C 80 -21.77 9.36 30.91
CA ASP C 80 -23.20 9.51 31.11
C ASP C 80 -23.44 10.52 32.23
N LEU C 81 -24.64 11.10 32.29
CA LEU C 81 -24.90 12.18 33.24
C LEU C 81 -24.25 11.94 34.60
N GLY C 82 -23.99 10.67 34.91
CA GLY C 82 -23.33 10.31 36.17
C GLY C 82 -21.87 10.71 36.20
N ASN C 83 -21.34 11.08 35.04
CA ASN C 83 -19.95 11.53 34.92
C ASN C 83 -19.83 13.00 34.59
N THR C 84 -18.94 13.70 35.28
CA THR C 84 -18.77 15.14 35.14
C THR C 84 -17.47 15.53 34.46
N CYS C 85 -17.57 16.38 33.45
CA CYS C 85 -16.40 16.84 32.71
C CYS C 85 -16.01 18.26 33.10
N PHE C 86 -14.71 18.52 33.14
CA PHE C 86 -14.19 19.84 33.46
C PHE C 86 -13.05 20.21 32.50
N THR C 87 -13.12 21.42 31.94
CA THR C 87 -12.05 21.90 31.07
C THR C 87 -11.43 23.17 31.65
N PHE C 88 -10.10 23.23 31.65
CA PHE C 88 -9.37 24.41 32.11
C PHE C 88 -8.49 24.98 31.00
N MET C 89 -8.91 26.10 30.43
CA MET C 89 -8.15 26.76 29.37
C MET C 89 -7.32 27.91 29.91
N ALA C 90 -6.16 28.15 29.30
CA ALA C 90 -5.27 29.21 29.73
C ALA C 90 -4.23 29.52 28.66
N GLY C 91 -3.66 30.72 28.71
CA GLY C 91 -2.65 31.12 27.74
C GLY C 91 -1.25 30.77 28.21
N LYS C 92 -0.31 30.73 27.26
CA LYS C 92 1.09 30.51 27.58
C LYS C 92 1.81 31.85 27.74
N PRO C 93 2.98 31.83 28.39
CA PRO C 93 3.62 30.64 28.93
C PRO C 93 3.11 30.30 30.32
N GLU C 94 1.90 30.74 30.64
CA GLU C 94 1.33 30.50 31.96
C GLU C 94 0.78 29.09 32.08
N TYR C 95 0.35 28.52 30.96
CA TYR C 95 -0.27 27.19 30.98
C TYR C 95 0.56 26.17 31.73
N ASP C 96 -0.05 25.54 32.72
CA ASP C 96 0.55 24.40 33.40
C ASP C 96 -0.54 23.52 33.98
N LYS C 97 -0.55 22.26 33.55
CA LYS C 97 -1.60 21.33 33.92
C LYS C 97 -1.65 21.01 35.41
N THR C 98 -0.57 21.33 36.13
CA THR C 98 -0.49 21.10 37.56
C THR C 98 -1.42 22.04 38.32
N ILE C 99 -1.49 23.29 37.86
CA ILE C 99 -2.34 24.29 38.49
C ILE C 99 -3.81 23.89 38.49
N SER C 100 -4.29 23.42 37.35
CA SER C 100 -5.69 23.01 37.22
C SER C 100 -5.94 21.69 37.95
N THR C 101 -4.89 20.87 38.07
CA THR C 101 -4.98 19.58 38.73
C THR C 101 -5.24 19.79 40.22
N SER C 102 -4.32 20.48 40.87
CA SER C 102 -4.45 20.74 42.30
C SER C 102 -5.75 21.47 42.59
N ILE C 103 -6.25 22.23 41.62
CA ILE C 103 -7.54 22.90 41.77
C ILE C 103 -8.66 21.86 41.85
N VAL C 104 -8.45 20.73 41.21
CA VAL C 104 -9.40 19.63 41.29
C VAL C 104 -9.22 18.90 42.61
N LEU C 105 -7.98 18.50 42.90
CA LEU C 105 -7.66 17.79 44.13
C LEU C 105 -8.15 18.57 45.35
N ASN C 106 -8.11 19.89 45.25
CA ASN C 106 -8.52 20.75 46.36
C ASN C 106 -10.02 21.03 46.39
N ALA C 107 -10.68 20.82 45.25
CA ALA C 107 -12.13 20.91 45.19
C ALA C 107 -12.71 19.61 45.76
N LEU C 108 -12.03 18.51 45.48
CA LEU C 108 -12.42 17.20 46.01
C LEU C 108 -12.24 17.17 47.53
N ASN C 109 -11.04 17.51 47.97
CA ASN C 109 -10.72 17.49 49.39
C ASN C 109 -11.62 18.44 50.18
N ALA C 110 -12.14 19.45 49.48
CA ALA C 110 -13.09 20.38 50.09
C ALA C 110 -14.48 19.73 50.18
N LEU C 111 -14.76 18.81 49.26
CA LEU C 111 -15.99 18.03 49.34
C LEU C 111 -15.79 16.87 50.32
N GLY C 112 -14.64 16.88 50.99
CA GLY C 112 -14.33 15.87 51.98
C GLY C 112 -13.93 14.55 51.37
N VAL C 113 -12.99 14.59 50.43
CA VAL C 113 -12.51 13.38 49.76
C VAL C 113 -11.03 13.48 49.41
N SER C 114 -10.23 12.58 49.97
CA SER C 114 -8.82 12.49 49.62
C SER C 114 -8.68 11.72 48.31
N ALA C 115 -7.72 12.13 47.49
CA ALA C 115 -7.53 11.49 46.19
C ALA C 115 -6.28 12.04 45.49
N GLU C 116 -5.18 11.31 45.59
CA GLU C 116 -3.93 11.73 44.97
C GLU C 116 -3.97 11.51 43.46
N ALA C 117 -2.98 12.06 42.77
CA ALA C 117 -2.83 11.82 41.34
C ALA C 117 -1.89 10.65 41.11
N SER C 118 -1.97 10.06 39.92
CA SER C 118 -1.07 8.97 39.55
C SER C 118 -0.72 9.06 38.07
N GLY C 119 0.46 8.55 37.72
CA GLY C 119 0.94 8.65 36.35
C GLY C 119 0.86 10.09 35.86
N ARG C 120 0.49 10.26 34.59
CA ARG C 120 0.37 11.59 34.04
C ARG C 120 -1.08 12.03 33.91
N ASN C 121 -1.98 11.09 33.69
CA ASN C 121 -3.37 11.41 33.38
C ASN C 121 -4.39 10.89 34.37
N ASP C 122 -3.94 10.50 35.56
CA ASP C 122 -4.82 9.78 36.48
C ASP C 122 -4.96 10.41 37.86
N LEU C 123 -6.19 10.41 38.35
CA LEU C 123 -6.49 10.72 39.74
C LEU C 123 -7.06 9.47 40.38
N VAL C 124 -6.40 8.98 41.42
CA VAL C 124 -6.82 7.75 42.08
C VAL C 124 -7.30 7.98 43.51
N VAL C 125 -7.95 6.97 44.08
CA VAL C 125 -8.41 7.03 45.46
C VAL C 125 -7.98 5.78 46.20
N LYS C 126 -8.42 5.66 47.45
CA LYS C 126 -8.08 4.51 48.29
C LYS C 126 -9.36 3.76 48.69
N THR C 127 -9.37 2.46 48.47
CA THR C 127 -10.52 1.63 48.82
C THR C 127 -10.08 0.33 49.49
N VAL C 128 -11.06 -0.46 49.93
CA VAL C 128 -10.78 -1.72 50.58
C VAL C 128 -10.12 -2.72 49.62
N GLU C 129 -10.33 -2.51 48.32
CA GLU C 129 -9.81 -3.43 47.31
C GLU C 129 -8.42 -3.05 46.82
N GLY C 130 -8.11 -1.75 46.89
CA GLY C 130 -6.80 -1.25 46.47
C GLY C 130 -6.88 0.20 46.04
N ASP C 131 -6.46 0.47 44.81
CA ASP C 131 -6.57 1.80 44.25
C ASP C 131 -7.50 1.81 43.04
N ARG C 132 -8.30 2.86 42.91
CA ARG C 132 -9.28 2.94 41.84
C ARG C 132 -9.29 4.30 41.15
N LYS C 133 -9.39 4.28 39.83
CA LYS C 133 -9.39 5.50 39.02
C LYS C 133 -10.72 6.23 39.13
N VAL C 134 -10.68 7.54 39.34
CA VAL C 134 -11.90 8.35 39.40
C VAL C 134 -11.89 9.47 38.36
N SER C 135 -10.71 9.72 37.78
CA SER C 135 -10.57 10.79 36.80
C SER C 135 -9.54 10.45 35.73
N GLY C 136 -9.86 10.80 34.49
CA GLY C 136 -8.93 10.69 33.38
C GLY C 136 -8.77 12.05 32.74
N SER C 137 -7.55 12.35 32.28
CA SER C 137 -7.27 13.66 31.71
C SER C 137 -6.56 13.61 30.37
N ALA C 138 -6.86 14.58 29.52
CA ALA C 138 -6.19 14.74 28.23
C ALA C 138 -5.83 16.20 28.06
N TYR C 139 -4.74 16.47 27.34
CA TYR C 139 -4.24 17.83 27.20
C TYR C 139 -4.05 18.23 25.74
N ARG C 140 -4.39 19.47 25.43
CA ARG C 140 -4.19 20.03 24.09
C ARG C 140 -3.40 21.32 24.18
N GLU C 141 -2.39 21.47 23.32
CA GLU C 141 -1.51 22.64 23.37
C GLU C 141 -1.32 23.28 22.01
N THR C 142 -1.10 24.59 22.02
CA THR C 142 -0.76 25.33 20.80
C THR C 142 0.51 26.15 20.99
N LYS C 143 0.52 27.36 20.47
CA LYS C 143 1.69 28.23 20.59
C LYS C 143 1.52 29.24 21.72
N ASP C 144 0.27 29.56 22.03
CA ASP C 144 -0.02 30.54 23.07
C ASP C 144 -1.03 30.00 24.07
N ARG C 145 -1.83 29.03 23.63
CA ARG C 145 -2.90 28.48 24.44
C ARG C 145 -2.66 27.01 24.78
N GLY C 146 -3.61 26.44 25.49
CA GLY C 146 -3.57 25.04 25.87
C GLY C 146 -4.68 24.75 26.87
N PHE C 147 -5.31 23.59 26.75
CA PHE C 147 -6.34 23.23 27.71
C PHE C 147 -6.10 21.90 28.38
N HIS C 148 -6.62 21.78 29.60
CA HIS C 148 -6.58 20.54 30.34
C HIS C 148 -8.01 20.18 30.69
N HIS C 149 -8.51 19.11 30.08
CA HIS C 149 -9.86 18.66 30.40
C HIS C 149 -9.83 17.22 30.89
N GLY C 150 -10.63 16.95 31.92
CA GLY C 150 -10.64 15.63 32.54
C GLY C 150 -12.03 15.14 32.89
N THR C 151 -12.09 14.07 33.68
CA THR C 151 -13.36 13.45 34.02
C THR C 151 -13.49 13.24 35.51
N LEU C 152 -14.72 12.97 35.94
CA LEU C 152 -14.99 12.59 37.32
C LEU C 152 -16.12 11.57 37.36
N LEU C 153 -15.85 10.43 37.99
CA LEU C 153 -16.86 9.38 38.13
C LEU C 153 -17.62 9.57 39.43
N LEU C 154 -18.83 10.10 39.33
CA LEU C 154 -19.67 10.32 40.49
C LEU C 154 -20.66 9.18 40.65
N ASN C 155 -21.50 9.00 39.64
CA ASN C 155 -22.47 7.90 39.62
C ASN C 155 -22.68 7.33 38.22
N ALA C 156 -21.58 7.12 37.51
CA ALA C 156 -21.65 6.56 36.17
C ALA C 156 -21.86 5.05 36.24
N ASP C 157 -22.80 4.55 35.45
CA ASP C 157 -23.07 3.12 35.39
C ASP C 157 -21.85 2.36 34.86
N LEU C 158 -21.07 1.78 35.78
CA LEU C 158 -19.84 1.09 35.42
C LEU C 158 -20.09 -0.15 34.57
N SER C 159 -21.30 -0.70 34.67
CA SER C 159 -21.67 -1.85 33.86
C SER C 159 -21.50 -1.49 32.40
N ARG C 160 -21.93 -0.28 32.06
CA ARG C 160 -21.91 0.20 30.69
C ARG C 160 -20.49 0.64 30.29
N LEU C 161 -19.79 1.26 31.24
CA LEU C 161 -18.41 1.64 30.99
C LEU C 161 -17.67 0.44 30.43
N ALA C 162 -17.68 -0.67 31.18
CA ALA C 162 -17.02 -1.89 30.74
C ALA C 162 -17.63 -2.40 29.44
N ASN C 163 -18.95 -2.36 29.34
CA ASN C 163 -19.66 -2.82 28.16
C ASN C 163 -19.12 -2.22 26.85
N TYR C 164 -19.27 -0.90 26.69
CA TYR C 164 -18.93 -0.25 25.45
C TYR C 164 -17.43 -0.02 25.25
N LEU C 165 -16.65 -0.28 26.30
CA LEU C 165 -15.20 -0.08 26.23
C LEU C 165 -14.43 -1.37 26.02
N ASN C 166 -15.15 -2.49 25.91
CA ASN C 166 -14.55 -3.78 25.60
C ASN C 166 -15.04 -4.32 24.26
N PRO C 167 -14.29 -4.02 23.19
CA PRO C 167 -14.70 -4.33 21.82
C PRO C 167 -14.69 -5.83 21.50
N ASP C 168 -15.46 -6.22 20.49
CA ASP C 168 -15.36 -7.56 19.95
C ASP C 168 -13.94 -7.78 19.44
N LYS C 169 -13.50 -9.02 19.40
CA LYS C 169 -12.19 -9.34 18.89
C LYS C 169 -12.19 -9.10 17.39
N LYS C 170 -11.28 -8.23 16.93
CA LYS C 170 -11.16 -7.96 15.51
C LYS C 170 -9.70 -7.95 15.10
N LYS C 171 -9.38 -8.71 14.06
CA LYS C 171 -8.01 -8.78 13.57
C LYS C 171 -7.69 -7.51 12.78
N LEU C 172 -7.08 -6.56 13.48
CA LEU C 172 -6.74 -5.27 12.89
C LEU C 172 -5.25 -4.99 13.05
N ALA C 173 -4.64 -4.45 12.01
CA ALA C 173 -3.29 -3.91 12.09
C ALA C 173 -3.41 -2.39 12.02
N ALA C 174 -3.60 -1.77 13.18
CA ALA C 174 -3.99 -0.36 13.23
C ALA C 174 -2.93 0.55 13.85
N LYS C 175 -2.68 1.68 13.21
CA LYS C 175 -1.82 2.71 13.77
C LYS C 175 -2.68 3.61 14.65
N GLY C 176 -2.03 4.42 15.49
CA GLY C 176 -2.76 5.30 16.40
C GLY C 176 -2.41 5.06 17.85
N ILE C 177 -3.25 5.55 18.75
CA ILE C 177 -3.00 5.39 20.19
C ILE C 177 -4.01 4.44 20.83
N THR C 178 -3.50 3.45 21.54
CA THR C 178 -4.36 2.48 22.23
C THR C 178 -4.68 2.99 23.62
N SER C 179 -5.89 2.69 24.09
CA SER C 179 -6.27 3.07 25.44
C SER C 179 -5.35 2.40 26.45
N VAL C 180 -5.40 2.86 27.70
CA VAL C 180 -4.65 2.23 28.78
C VAL C 180 -5.56 1.94 29.95
N ARG C 181 -6.12 0.75 29.96
CA ARG C 181 -7.12 0.36 30.95
C ARG C 181 -6.62 0.40 32.39
N SER C 182 -7.53 0.72 33.31
CA SER C 182 -7.26 0.61 34.73
C SER C 182 -8.59 0.49 35.48
N ARG C 183 -8.54 -0.09 36.68
CA ARG C 183 -9.75 -0.30 37.48
C ARG C 183 -10.33 1.01 38.01
N VAL C 184 -11.63 1.19 37.83
CA VAL C 184 -12.27 2.46 38.15
C VAL C 184 -13.39 2.29 39.16
N THR C 185 -13.77 3.40 39.80
CA THR C 185 -14.87 3.40 40.76
C THR C 185 -15.63 4.72 40.72
N ASN C 186 -16.86 4.72 41.20
CA ASN C 186 -17.64 5.95 41.35
C ASN C 186 -17.36 6.58 42.70
N LEU C 187 -17.44 7.91 42.76
CA LEU C 187 -17.18 8.61 44.01
C LEU C 187 -18.29 8.35 45.04
N THR C 188 -19.48 8.07 44.54
CA THR C 188 -20.62 7.83 45.42
C THR C 188 -20.37 6.61 46.31
N GLU C 189 -19.34 5.83 45.98
CA GLU C 189 -18.95 4.67 46.79
C GLU C 189 -18.16 5.09 48.01
N LEU C 190 -17.76 6.37 48.04
CA LEU C 190 -17.06 6.92 49.20
C LEU C 190 -17.97 7.88 49.97
N LEU C 191 -19.06 8.29 49.32
CA LEU C 191 -20.03 9.18 49.94
C LEU C 191 -21.21 9.45 49.01
N PRO C 192 -22.32 8.73 49.24
CA PRO C 192 -23.51 8.84 48.41
C PRO C 192 -24.16 10.22 48.49
N GLY C 193 -25.23 10.42 47.74
CA GLY C 193 -25.94 11.70 47.72
C GLY C 193 -25.17 12.77 46.98
N ILE C 194 -23.92 12.46 46.63
CA ILE C 194 -23.07 13.41 45.91
C ILE C 194 -23.58 13.63 44.49
N THR C 195 -23.72 14.89 44.11
CA THR C 195 -24.27 15.23 42.80
C THR C 195 -23.26 15.96 41.93
N HIS C 196 -23.56 16.03 40.64
CA HIS C 196 -22.77 16.82 39.71
C HIS C 196 -22.92 18.30 40.06
N GLU C 197 -24.11 18.64 40.58
CA GLU C 197 -24.41 20.00 40.99
C GLU C 197 -23.41 20.47 42.03
N GLN C 198 -23.16 19.63 43.03
CA GLN C 198 -22.24 19.97 44.10
C GLN C 198 -20.80 20.02 43.61
N VAL C 199 -20.45 19.08 42.74
CA VAL C 199 -19.08 18.93 42.26
C VAL C 199 -18.56 20.19 41.55
N CYS C 200 -19.39 20.76 40.69
CA CYS C 200 -19.04 22.01 40.03
C CYS C 200 -18.91 23.11 41.07
N GLU C 201 -20.05 23.47 41.65
CA GLU C 201 -20.11 24.49 42.69
C GLU C 201 -19.02 24.29 43.73
N ALA C 202 -18.17 23.29 43.52
CA ALA C 202 -17.06 23.00 44.41
C ALA C 202 -15.72 23.26 43.73
N ILE C 203 -15.72 23.17 42.41
CA ILE C 203 -14.55 23.54 41.62
C ILE C 203 -14.60 25.03 41.34
N THR C 204 -15.73 25.46 40.79
CA THR C 204 -15.99 26.89 40.59
C THR C 204 -15.38 27.65 41.76
N GLU C 205 -15.62 27.17 42.96
CA GLU C 205 -15.04 27.79 44.15
C GLU C 205 -13.52 27.65 44.13
N ALA C 206 -13.04 26.42 44.29
CA ALA C 206 -11.61 26.17 44.26
C ALA C 206 -10.95 26.98 43.15
N PHE C 207 -11.61 27.02 41.99
CA PHE C 207 -11.13 27.81 40.86
C PHE C 207 -10.92 29.26 41.30
N PHE C 208 -11.99 29.90 41.78
CA PHE C 208 -11.89 31.25 42.27
C PHE C 208 -10.80 31.38 43.34
N ALA C 209 -10.78 30.43 44.27
CA ALA C 209 -9.82 30.46 45.36
C ALA C 209 -8.37 30.60 44.88
N HIS C 210 -8.07 30.03 43.71
CA HIS C 210 -6.71 30.06 43.20
C HIS C 210 -6.41 31.36 42.46
N TYR C 211 -7.43 31.93 41.82
CA TYR C 211 -7.25 33.15 41.03
C TYR C 211 -7.78 34.41 41.74
N GLY C 212 -8.01 34.31 43.04
CA GLY C 212 -8.53 35.45 43.81
C GLY C 212 -9.50 36.30 43.02
N GLU C 213 -10.42 35.65 42.30
CA GLU C 213 -11.45 36.37 41.54
C GLU C 213 -12.82 35.72 41.72
N ARG C 214 -13.75 36.17 40.90
CA ARG C 214 -15.10 35.61 40.84
C ARG C 214 -15.76 36.07 39.55
N VAL C 215 -16.84 35.40 39.17
CA VAL C 215 -17.56 35.76 37.94
C VAL C 215 -18.90 35.06 37.88
N GLU C 216 -19.92 35.77 37.41
CA GLU C 216 -21.25 35.20 37.28
C GLU C 216 -21.24 34.22 36.11
N ALA C 217 -21.42 32.93 36.44
CA ALA C 217 -21.34 31.86 35.45
C ALA C 217 -22.30 32.08 34.29
N GLU C 218 -21.81 31.86 33.08
CA GLU C 218 -22.63 31.90 31.88
C GLU C 218 -23.17 30.51 31.59
N ILE C 219 -24.32 30.45 30.94
CA ILE C 219 -25.00 29.18 30.71
C ILE C 219 -25.35 28.97 29.25
N ILE C 220 -24.71 27.99 28.62
CA ILE C 220 -24.99 27.68 27.22
C ILE C 220 -26.20 26.76 27.11
N SER C 221 -27.11 27.10 26.20
CA SER C 221 -28.37 26.37 26.05
C SER C 221 -28.30 25.34 24.93
N PRO C 222 -28.98 24.20 25.13
CA PRO C 222 -29.01 23.10 24.16
C PRO C 222 -29.92 23.40 22.99
N ASN C 223 -30.63 24.52 23.04
CA ASN C 223 -31.63 24.86 22.03
C ASN C 223 -31.23 26.03 21.14
N LYS C 224 -30.33 26.88 21.64
CA LYS C 224 -29.92 28.07 20.92
C LYS C 224 -28.48 27.97 20.40
N THR C 225 -28.30 28.30 19.12
CA THR C 225 -26.99 28.32 18.50
C THR C 225 -26.12 29.38 19.17
N PRO C 226 -25.19 28.95 20.04
CA PRO C 226 -24.39 29.81 20.91
C PRO C 226 -23.88 31.07 20.22
N ASP C 227 -23.61 32.11 21.00
CA ASP C 227 -23.06 33.35 20.47
C ASP C 227 -21.53 33.27 20.38
N LEU C 228 -21.04 32.36 19.55
CA LEU C 228 -19.60 32.21 19.32
C LEU C 228 -19.31 32.01 17.83
N PRO C 229 -18.19 32.56 17.36
CA PRO C 229 -17.83 32.56 15.95
C PRO C 229 -17.46 31.17 15.43
N ASN C 230 -18.03 30.81 14.28
CA ASN C 230 -17.69 29.56 13.60
C ASN C 230 -18.56 28.38 13.96
N PHE C 231 -18.99 28.32 15.22
CA PHE C 231 -19.79 27.19 15.70
C PHE C 231 -20.44 26.42 14.57
N ALA C 232 -21.34 27.07 13.83
CA ALA C 232 -22.04 26.42 12.72
C ALA C 232 -21.12 25.46 11.99
N GLU C 233 -19.83 25.78 11.96
CA GLU C 233 -18.82 24.93 11.35
C GLU C 233 -18.37 23.81 12.28
N THR C 234 -17.79 24.18 13.41
CA THR C 234 -17.27 23.21 14.38
C THR C 234 -18.26 22.07 14.60
N PHE C 235 -19.48 22.42 15.01
CA PHE C 235 -20.50 21.44 15.33
C PHE C 235 -20.81 20.49 14.18
N ALA C 236 -20.77 21.01 12.95
CA ALA C 236 -21.07 20.20 11.78
C ALA C 236 -19.97 19.17 11.50
N ARG C 237 -18.72 19.55 11.76
CA ARG C 237 -17.59 18.65 11.57
C ARG C 237 -17.49 17.67 12.74
N GLN C 238 -17.81 18.16 13.93
CA GLN C 238 -17.81 17.31 15.11
C GLN C 238 -18.86 16.21 14.99
N SER C 239 -20.00 16.56 14.40
CA SER C 239 -21.12 15.65 14.29
C SER C 239 -20.98 14.72 13.10
N SER C 240 -19.88 14.86 12.37
CA SER C 240 -19.69 14.09 11.15
C SER C 240 -19.08 12.72 11.43
N TRP C 241 -19.43 11.75 10.58
CA TRP C 241 -18.84 10.43 10.64
C TRP C 241 -17.38 10.49 10.22
N GLU C 242 -17.04 11.49 9.41
CA GLU C 242 -15.69 11.63 8.87
C GLU C 242 -14.69 12.04 9.94
N TRP C 243 -15.10 12.91 10.85
CA TRP C 243 -14.21 13.32 11.93
C TRP C 243 -14.16 12.26 13.02
N ASN C 244 -15.35 11.85 13.47
CA ASN C 244 -15.45 10.85 14.51
C ASN C 244 -14.74 9.56 14.14
N PHE C 245 -15.26 8.85 13.15
CA PHE C 245 -14.68 7.58 12.73
C PHE C 245 -13.52 7.78 11.75
N GLY C 246 -13.78 8.55 10.69
CA GLY C 246 -12.83 8.74 9.60
C GLY C 246 -11.40 9.10 9.98
N GLN C 247 -11.25 10.00 10.96
CA GLN C 247 -9.92 10.47 11.36
C GLN C 247 -8.99 9.35 11.86
N ALA C 248 -9.59 8.23 12.25
CA ALA C 248 -8.81 7.08 12.65
C ALA C 248 -7.54 6.97 11.80
N PRO C 249 -6.37 6.94 12.43
CA PRO C 249 -5.14 6.71 11.70
C PRO C 249 -5.25 5.44 10.85
N ALA C 250 -4.47 5.36 9.78
CA ALA C 250 -4.50 4.25 8.85
C ALA C 250 -4.44 2.89 9.54
N PHE C 251 -5.12 1.91 8.97
CA PHE C 251 -5.11 0.55 9.50
C PHE C 251 -5.64 -0.44 8.47
N SER C 252 -5.46 -1.73 8.77
CA SER C 252 -5.99 -2.80 7.94
C SER C 252 -6.87 -3.69 8.80
N HIS C 253 -7.84 -4.34 8.19
CA HIS C 253 -8.71 -5.26 8.91
C HIS C 253 -8.81 -6.58 8.17
N LEU C 254 -8.55 -7.67 8.89
CA LEU C 254 -8.66 -8.99 8.32
C LEU C 254 -9.92 -9.66 8.85
N LEU C 255 -10.81 -10.07 7.94
CA LEU C 255 -12.03 -10.76 8.31
C LEU C 255 -12.23 -12.01 7.47
N ASP C 256 -12.81 -13.05 8.09
CA ASP C 256 -12.97 -14.34 7.43
C ASP C 256 -14.28 -15.00 7.84
N GLU C 257 -14.72 -15.97 7.05
CA GLU C 257 -15.97 -16.66 7.31
C GLU C 257 -16.16 -17.86 6.39
N ARG C 258 -16.53 -19.00 6.97
CA ARG C 258 -16.90 -20.16 6.18
C ARG C 258 -18.36 -20.05 5.78
N PHE C 259 -18.70 -20.64 4.64
CA PHE C 259 -20.09 -20.76 4.22
C PHE C 259 -20.30 -22.19 3.75
N THR C 260 -21.56 -22.64 3.80
CA THR C 260 -21.87 -23.96 3.26
C THR C 260 -21.40 -24.01 1.81
N TRP C 261 -21.24 -22.82 1.22
CA TRP C 261 -20.89 -22.72 -0.20
C TRP C 261 -19.43 -22.33 -0.42
N GLY C 262 -18.66 -22.23 0.66
CA GLY C 262 -17.24 -21.92 0.55
C GLY C 262 -16.71 -20.98 1.62
N GLY C 263 -15.39 -20.84 1.69
CA GLY C 263 -14.75 -19.97 2.67
C GLY C 263 -14.21 -18.68 2.08
N VAL C 264 -14.62 -17.56 2.64
CA VAL C 264 -14.16 -16.25 2.16
C VAL C 264 -13.25 -15.59 3.18
N GLU C 265 -12.40 -14.68 2.70
CA GLU C 265 -11.42 -14.01 3.55
C GLU C 265 -11.02 -12.67 2.95
N LEU C 266 -11.29 -11.59 3.66
CA LEU C 266 -11.07 -10.25 3.14
C LEU C 266 -10.00 -9.49 3.90
N HIS C 267 -9.21 -8.68 3.18
CA HIS C 267 -8.23 -7.81 3.80
C HIS C 267 -8.40 -6.37 3.33
N PHE C 268 -8.75 -5.48 4.25
CA PHE C 268 -9.00 -4.08 3.91
C PHE C 268 -7.84 -3.13 4.27
N ASP C 269 -7.56 -2.20 3.37
CA ASP C 269 -6.66 -1.10 3.66
C ASP C 269 -7.48 0.16 3.78
N VAL C 270 -7.52 0.73 4.99
CA VAL C 270 -8.43 1.84 5.27
C VAL C 270 -7.72 3.14 5.64
N GLU C 271 -8.05 4.22 4.94
CA GLU C 271 -7.51 5.55 5.23
C GLU C 271 -8.61 6.60 5.14
N LYS C 272 -8.62 7.53 6.09
CA LYS C 272 -9.67 8.54 6.16
C LYS C 272 -11.04 7.89 6.13
N GLY C 273 -11.11 6.65 6.61
CA GLY C 273 -12.38 5.92 6.65
C GLY C 273 -12.77 5.24 5.35
N HIS C 274 -11.96 5.42 4.31
CA HIS C 274 -12.26 4.82 3.01
C HIS C 274 -11.40 3.60 2.74
N ILE C 275 -12.01 2.57 2.15
CA ILE C 275 -11.29 1.34 1.81
C ILE C 275 -10.40 1.57 0.60
N THR C 276 -9.16 1.99 0.85
CA THR C 276 -8.22 2.30 -0.23
C THR C 276 -7.93 1.06 -1.11
N ARG C 277 -8.14 -0.12 -0.55
CA ARG C 277 -7.92 -1.36 -1.28
C ARG C 277 -8.46 -2.57 -0.52
N ALA C 278 -9.03 -3.51 -1.26
CA ALA C 278 -9.58 -4.73 -0.68
C ALA C 278 -9.03 -5.95 -1.44
N GLN C 279 -8.68 -6.99 -0.68
CA GLN C 279 -8.21 -8.23 -1.28
C GLN C 279 -9.07 -9.39 -0.80
N VAL C 280 -9.30 -10.35 -1.68
CA VAL C 280 -10.17 -11.48 -1.36
C VAL C 280 -9.53 -12.81 -1.69
N PHE C 281 -9.44 -13.67 -0.69
CA PHE C 281 -8.91 -15.02 -0.89
C PHE C 281 -10.02 -16.00 -0.54
N THR C 282 -10.33 -16.89 -1.48
CA THR C 282 -11.44 -17.82 -1.29
C THR C 282 -11.26 -19.17 -1.99
N ASP C 283 -11.74 -20.22 -1.33
CA ASP C 283 -11.72 -21.56 -1.91
C ASP C 283 -13.07 -21.88 -2.54
N SER C 284 -13.88 -20.86 -2.78
CA SER C 284 -15.18 -21.03 -3.41
C SER C 284 -15.02 -21.54 -4.84
N LEU C 285 -16.07 -22.15 -5.37
CA LEU C 285 -16.07 -22.63 -6.75
C LEU C 285 -16.43 -21.51 -7.72
N ASN C 286 -17.30 -20.61 -7.29
CA ASN C 286 -17.64 -19.43 -8.07
C ASN C 286 -16.97 -18.19 -7.50
N PRO C 287 -15.80 -17.84 -8.05
CA PRO C 287 -15.01 -16.73 -7.56
C PRO C 287 -15.20 -15.49 -8.44
N ALA C 288 -15.62 -15.70 -9.67
CA ALA C 288 -15.78 -14.62 -10.62
C ALA C 288 -16.29 -13.34 -9.95
N PRO C 289 -17.46 -13.43 -9.31
CA PRO C 289 -18.09 -12.26 -8.69
C PRO C 289 -17.23 -11.66 -7.57
N LEU C 290 -16.58 -12.52 -6.79
CA LEU C 290 -15.80 -12.07 -5.64
C LEU C 290 -14.57 -11.26 -6.05
N GLU C 291 -13.84 -11.74 -7.05
CA GLU C 291 -12.66 -11.04 -7.53
C GLU C 291 -13.04 -9.68 -8.11
N ALA C 292 -14.26 -9.59 -8.61
CA ALA C 292 -14.78 -8.32 -9.12
C ALA C 292 -15.14 -7.41 -7.95
N LEU C 293 -15.79 -7.97 -6.94
CA LEU C 293 -16.19 -7.21 -5.77
C LEU C 293 -15.00 -6.48 -5.16
N ALA C 294 -13.90 -7.21 -4.98
CA ALA C 294 -12.68 -6.64 -4.43
C ALA C 294 -12.37 -5.33 -5.13
N GLY C 295 -12.33 -5.38 -6.46
CA GLY C 295 -12.05 -4.19 -7.27
C GLY C 295 -13.06 -3.09 -7.09
N ARG C 296 -14.33 -3.47 -6.90
CA ARG C 296 -15.41 -2.50 -6.78
C ARG C 296 -15.50 -1.90 -5.38
N LEU C 297 -14.68 -2.38 -4.45
CA LEU C 297 -14.71 -1.89 -3.09
C LEU C 297 -13.73 -0.74 -2.85
N GLN C 298 -12.84 -0.51 -3.81
CA GLN C 298 -11.86 0.57 -3.68
C GLN C 298 -12.54 1.91 -3.55
N GLY C 299 -12.09 2.70 -2.58
CA GLY C 299 -12.67 4.01 -2.32
C GLY C 299 -13.93 3.93 -1.49
N CYS C 300 -14.46 2.73 -1.34
CA CYS C 300 -15.71 2.52 -0.62
C CYS C 300 -15.57 2.81 0.87
N LEU C 301 -16.59 3.42 1.43
CA LEU C 301 -16.59 3.79 2.84
C LEU C 301 -16.54 2.55 3.71
N TYR C 302 -15.67 2.58 4.73
CA TYR C 302 -15.55 1.47 5.67
C TYR C 302 -16.75 1.46 6.61
N ARG C 303 -17.92 1.14 6.06
CA ARG C 303 -19.14 1.13 6.86
C ARG C 303 -20.18 0.17 6.28
N ALA C 304 -20.98 -0.42 7.15
CA ALA C 304 -21.94 -1.44 6.75
C ALA C 304 -22.81 -0.99 5.57
N ASP C 305 -23.44 0.18 5.70
CA ASP C 305 -24.39 0.65 4.69
C ASP C 305 -23.76 0.71 3.29
N MET C 306 -22.58 1.31 3.18
CA MET C 306 -21.89 1.42 1.90
C MET C 306 -21.47 0.06 1.37
N LEU C 307 -20.98 -0.79 2.27
CA LEU C 307 -20.63 -2.17 1.91
C LEU C 307 -21.86 -2.89 1.38
N GLN C 308 -22.89 -2.97 2.22
CA GLN C 308 -24.15 -3.58 1.82
C GLN C 308 -24.51 -3.13 0.40
N GLN C 309 -24.31 -1.83 0.13
CA GLN C 309 -24.65 -1.25 -1.17
C GLN C 309 -23.93 -1.92 -2.33
N GLU C 310 -22.60 -1.90 -2.30
CA GLU C 310 -21.82 -2.46 -3.39
C GLU C 310 -22.24 -3.90 -3.68
N CYS C 311 -22.58 -4.64 -2.63
CA CYS C 311 -23.04 -6.02 -2.78
C CYS C 311 -24.31 -6.08 -3.60
N GLU C 312 -25.34 -5.35 -3.17
CA GLU C 312 -26.57 -5.25 -3.92
C GLU C 312 -26.25 -4.92 -5.38
N ALA C 313 -25.50 -3.83 -5.57
CA ALA C 313 -25.10 -3.39 -6.90
C ALA C 313 -24.38 -4.50 -7.67
N LEU C 314 -23.82 -5.45 -6.93
CA LEU C 314 -23.10 -6.56 -7.54
C LEU C 314 -24.07 -7.62 -8.06
N LEU C 315 -25.03 -8.01 -7.24
CA LEU C 315 -26.06 -8.95 -7.65
C LEU C 315 -26.37 -8.78 -9.14
N VAL C 316 -26.80 -7.57 -9.49
CA VAL C 316 -27.06 -7.21 -10.88
C VAL C 316 -26.20 -8.03 -11.84
N ASP C 317 -24.93 -7.64 -11.95
CA ASP C 317 -24.01 -8.26 -12.91
C ASP C 317 -23.88 -9.77 -12.71
N PHE C 318 -23.90 -10.20 -11.46
CA PHE C 318 -23.80 -11.63 -11.15
C PHE C 318 -25.08 -12.12 -10.49
N PRO C 319 -26.09 -12.43 -11.30
CA PRO C 319 -27.43 -12.79 -10.82
C PRO C 319 -27.51 -14.22 -10.31
N GLU C 320 -26.84 -15.15 -10.99
CA GLU C 320 -26.93 -16.56 -10.65
C GLU C 320 -26.30 -16.88 -9.29
N GLN C 321 -25.68 -15.89 -8.66
CA GLN C 321 -25.07 -16.09 -7.35
C GLN C 321 -25.68 -15.17 -6.29
N GLU C 322 -26.99 -14.96 -6.36
CA GLU C 322 -27.65 -14.06 -5.42
C GLU C 322 -27.65 -14.59 -3.99
N LYS C 323 -28.22 -15.78 -3.79
CA LYS C 323 -28.40 -16.32 -2.44
C LYS C 323 -27.14 -16.17 -1.58
N GLU C 324 -26.00 -16.57 -2.14
CA GLU C 324 -24.74 -16.52 -1.40
C GLU C 324 -24.20 -15.10 -1.23
N LEU C 325 -24.51 -14.22 -2.18
CA LEU C 325 -24.05 -12.84 -2.13
C LEU C 325 -24.70 -12.06 -0.98
N ARG C 326 -25.95 -12.38 -0.68
CA ARG C 326 -26.61 -11.83 0.50
C ARG C 326 -25.86 -12.27 1.74
N GLU C 327 -25.74 -13.58 1.92
CA GLU C 327 -24.99 -14.15 3.04
C GLU C 327 -23.66 -13.43 3.22
N LEU C 328 -23.08 -12.99 2.10
CA LEU C 328 -21.81 -12.28 2.13
C LEU C 328 -22.01 -10.85 2.63
N SER C 329 -22.96 -10.15 2.03
CA SER C 329 -23.27 -8.78 2.41
C SER C 329 -23.65 -8.70 3.88
N ALA C 330 -24.56 -9.58 4.30
CA ALA C 330 -25.01 -9.63 5.67
C ALA C 330 -23.84 -9.80 6.63
N TRP C 331 -22.93 -10.71 6.30
CA TRP C 331 -21.75 -10.97 7.11
C TRP C 331 -20.80 -9.78 7.11
N MET C 332 -20.35 -9.38 5.92
CA MET C 332 -19.51 -8.19 5.77
C MET C 332 -19.95 -7.06 6.68
N ALA C 333 -21.17 -6.58 6.45
CA ALA C 333 -21.72 -5.50 7.25
C ALA C 333 -21.47 -5.74 8.75
N GLY C 334 -22.08 -6.79 9.29
CA GLY C 334 -21.92 -7.12 10.69
C GLY C 334 -20.47 -7.29 11.08
N ALA C 335 -19.62 -7.54 10.09
CA ALA C 335 -18.20 -7.75 10.33
C ALA C 335 -17.47 -6.45 10.64
N VAL C 336 -17.86 -5.37 9.96
CA VAL C 336 -17.22 -4.09 10.19
C VAL C 336 -18.05 -3.19 11.08
N ARG C 337 -19.28 -3.63 11.37
CA ARG C 337 -20.22 -2.82 12.14
C ARG C 337 -19.61 -2.39 13.47
N ASN D 2 23.64 24.41 21.57
CA ASN D 2 23.61 23.37 20.51
C ASN D 2 22.55 23.64 19.45
N VAL D 3 22.98 24.19 18.32
CA VAL D 3 22.09 24.54 17.23
C VAL D 3 22.86 24.63 15.91
N PRO D 4 22.51 23.77 14.94
CA PRO D 4 23.12 23.80 13.62
C PRO D 4 23.22 25.23 13.09
N ALA D 5 24.40 25.62 12.64
CA ALA D 5 24.64 27.01 12.24
C ALA D 5 24.05 27.36 10.88
N GLU D 6 24.06 26.40 9.96
CA GLU D 6 23.66 26.67 8.58
C GLU D 6 22.15 26.79 8.39
N LEU D 7 21.40 26.45 9.43
CA LEU D 7 19.94 26.40 9.33
C LEU D 7 19.26 27.70 9.71
N LYS D 8 18.09 27.94 9.12
CA LYS D 8 17.25 29.08 9.49
C LYS D 8 16.13 28.60 10.42
N TYR D 9 15.72 29.46 11.35
CA TYR D 9 14.73 29.08 12.35
C TYR D 9 13.53 30.01 12.40
N SER D 10 12.58 29.71 13.27
CA SER D 10 11.38 30.53 13.42
C SER D 10 10.97 30.69 14.88
N LYS D 11 9.96 31.52 15.12
CA LYS D 11 9.52 31.83 16.47
C LYS D 11 8.91 30.62 17.19
N GLU D 12 8.28 29.74 16.42
CA GLU D 12 7.61 28.57 16.98
C GLU D 12 8.55 27.39 17.18
N HIS D 13 9.86 27.64 17.05
CA HIS D 13 10.87 26.62 17.31
C HIS D 13 10.98 25.57 16.19
N GLU D 14 10.83 26.01 14.94
CA GLU D 14 11.05 25.14 13.79
C GLU D 14 12.38 25.49 13.11
N TRP D 15 12.82 24.62 12.19
CA TRP D 15 14.04 24.88 11.44
C TRP D 15 13.86 24.56 9.96
N LEU D 16 14.62 25.24 9.11
CA LEU D 16 14.52 25.05 7.66
C LEU D 16 15.87 24.74 7.03
N ARG D 17 15.91 23.63 6.29
CA ARG D 17 17.14 23.22 5.60
C ARG D 17 17.00 23.37 4.09
N LYS D 18 17.47 24.49 3.57
CA LYS D 18 17.48 24.75 2.14
C LYS D 18 18.07 23.56 1.37
N GLU D 19 17.37 23.13 0.32
CA GLU D 19 17.83 22.02 -0.50
C GLU D 19 18.47 22.52 -1.79
N ALA D 20 19.04 21.60 -2.56
CA ALA D 20 19.71 21.96 -3.81
C ALA D 20 18.73 22.38 -4.90
N ASP D 21 17.50 21.90 -4.80
CA ASP D 21 16.49 22.15 -5.83
C ASP D 21 15.52 23.27 -5.47
N GLY D 22 15.80 23.98 -4.37
CA GLY D 22 15.00 25.13 -3.97
C GLY D 22 14.18 24.98 -2.71
N THR D 23 13.62 23.79 -2.49
CA THR D 23 12.73 23.55 -1.35
C THR D 23 13.41 23.75 0.00
N TYR D 24 12.63 23.67 1.07
CA TYR D 24 13.13 23.80 2.43
C TYR D 24 12.51 22.74 3.35
N THR D 25 13.32 21.76 3.74
CA THR D 25 12.87 20.73 4.68
C THR D 25 12.60 21.35 6.05
N VAL D 26 11.48 20.96 6.67
CA VAL D 26 11.06 21.57 7.93
C VAL D 26 10.84 20.56 9.05
N GLY D 27 11.38 20.87 10.22
CA GLY D 27 11.20 20.04 11.42
C GLY D 27 11.24 20.91 12.66
N ILE D 28 11.25 20.29 13.83
CA ILE D 28 11.33 21.04 15.09
C ILE D 28 12.70 20.89 15.76
N THR D 29 13.09 21.92 16.50
CA THR D 29 14.41 21.99 17.10
C THR D 29 14.56 21.07 18.31
N GLU D 30 15.80 20.87 18.74
CA GLU D 30 16.10 20.05 19.91
C GLU D 30 15.40 20.57 21.15
N HIS D 31 15.20 21.89 21.22
CA HIS D 31 14.57 22.51 22.38
C HIS D 31 13.08 22.20 22.44
N ALA D 32 12.43 22.23 21.29
CA ALA D 32 11.01 21.93 21.22
C ALA D 32 10.72 20.51 21.68
N GLN D 33 11.39 19.54 21.04
CA GLN D 33 11.15 18.13 21.35
C GLN D 33 11.32 17.80 22.82
N GLU D 34 11.96 18.70 23.56
CA GLU D 34 12.13 18.51 25.01
C GLU D 34 10.88 18.92 25.75
N LEU D 35 10.26 20.01 25.31
CA LEU D 35 9.04 20.52 25.93
C LEU D 35 7.87 19.55 25.75
N LEU D 36 7.70 19.07 24.51
CA LEU D 36 6.61 18.16 24.20
C LEU D 36 6.74 16.84 24.93
N GLY D 37 7.96 16.32 25.01
CA GLY D 37 8.22 15.05 25.66
C GLY D 37 8.40 13.93 24.67
N ASP D 38 8.12 12.70 25.10
CA ASP D 38 8.26 11.53 24.23
C ASP D 38 7.18 11.51 23.15
N MET D 39 7.59 11.83 21.92
CA MET D 39 6.68 11.81 20.79
C MET D 39 6.08 10.42 20.64
N VAL D 40 4.77 10.33 20.76
CA VAL D 40 4.10 9.04 20.71
C VAL D 40 3.28 8.86 19.42
N PHE D 41 2.96 9.96 18.75
CA PHE D 41 2.30 9.91 17.45
C PHE D 41 2.33 11.24 16.72
N VAL D 42 2.25 11.20 15.39
CA VAL D 42 2.33 12.40 14.57
C VAL D 42 1.32 12.39 13.42
N ASP D 43 0.51 13.46 13.34
CA ASP D 43 -0.45 13.61 12.26
C ASP D 43 0.11 14.49 11.16
N LEU D 44 0.56 13.85 10.07
CA LEU D 44 1.16 14.57 8.96
C LEU D 44 0.14 15.44 8.23
N PRO D 45 0.62 16.54 7.61
CA PRO D 45 -0.23 17.41 6.82
C PRO D 45 -0.50 16.80 5.45
N GLU D 46 -1.50 17.33 4.74
CA GLU D 46 -1.85 16.83 3.41
C GLU D 46 -0.83 17.29 2.37
N VAL D 47 -0.32 16.33 1.60
CA VAL D 47 0.63 16.65 0.54
C VAL D 47 -0.04 17.49 -0.55
N GLY D 48 0.51 18.66 -0.80
CA GLY D 48 -0.01 19.54 -1.85
C GLY D 48 -0.92 20.63 -1.32
N ALA D 49 -0.98 20.75 0.00
CA ALA D 49 -1.83 21.76 0.63
C ALA D 49 -1.15 23.12 0.68
N THR D 50 -1.90 24.17 0.41
CA THR D 50 -1.39 25.54 0.50
C THR D 50 -1.59 26.07 1.91
N VAL D 51 -0.52 26.62 2.49
CA VAL D 51 -0.57 27.13 3.86
C VAL D 51 0.12 28.48 4.00
N SER D 52 -0.46 29.34 4.84
CA SER D 52 0.13 30.64 5.14
C SER D 52 1.06 30.53 6.33
N ALA D 53 1.84 31.57 6.59
CA ALA D 53 2.77 31.57 7.72
C ALA D 53 2.03 31.46 9.04
N GLY D 54 2.70 30.90 10.04
CA GLY D 54 2.10 30.74 11.37
C GLY D 54 0.91 29.80 11.40
N ASP D 55 0.70 29.08 10.30
CA ASP D 55 -0.42 28.15 10.17
C ASP D 55 -0.18 26.83 10.90
N ASP D 56 -1.21 26.36 11.61
CA ASP D 56 -1.16 25.05 12.23
C ASP D 56 -1.44 23.99 11.18
N CYS D 57 -0.38 23.35 10.69
CA CYS D 57 -0.49 22.46 9.54
C CYS D 57 -0.39 20.98 9.91
N ALA D 58 -0.05 20.69 11.16
CA ALA D 58 0.11 19.30 11.60
C ALA D 58 0.06 19.20 13.12
N VAL D 59 -0.34 18.04 13.61
CA VAL D 59 -0.44 17.83 15.05
C VAL D 59 0.51 16.74 15.52
N ALA D 60 1.12 16.97 16.68
CA ALA D 60 2.08 16.03 17.25
C ALA D 60 1.61 15.60 18.64
N GLU D 61 1.07 14.40 18.73
CA GLU D 61 0.64 13.87 20.02
C GLU D 61 1.84 13.35 20.79
N SER D 62 2.20 14.08 21.84
CA SER D 62 3.29 13.68 22.71
C SER D 62 2.75 13.02 23.96
N VAL D 63 3.63 12.72 24.91
CA VAL D 63 3.20 12.11 26.16
C VAL D 63 2.63 13.15 27.12
N LYS D 64 2.78 14.42 26.77
CA LYS D 64 2.33 15.51 27.65
C LYS D 64 1.06 16.17 27.11
N ALA D 65 0.94 16.25 25.79
CA ALA D 65 -0.22 16.88 25.17
C ALA D 65 -0.20 16.81 23.65
N ALA D 66 -1.33 17.14 23.04
CA ALA D 66 -1.44 17.20 21.58
C ALA D 66 -1.08 18.59 21.08
N SER D 67 0.17 18.77 20.68
CA SER D 67 0.64 20.09 20.23
C SER D 67 0.55 20.27 18.73
N ASP D 68 0.20 21.48 18.30
CA ASP D 68 0.14 21.80 16.88
C ASP D 68 1.53 22.10 16.33
N ILE D 69 1.79 21.66 15.11
CA ILE D 69 3.01 22.01 14.41
C ILE D 69 2.67 23.06 13.37
N TYR D 70 3.53 24.07 13.23
CA TYR D 70 3.20 25.21 12.40
C TYR D 70 4.09 25.35 11.18
N ALA D 71 3.52 25.94 10.12
CA ALA D 71 4.27 26.25 8.92
C ALA D 71 5.02 27.56 9.13
N PRO D 72 6.35 27.50 9.16
CA PRO D 72 7.21 28.64 9.46
C PRO D 72 7.10 29.73 8.39
N VAL D 73 6.64 29.35 7.20
CA VAL D 73 6.52 30.28 6.09
C VAL D 73 5.24 30.04 5.31
N SER D 74 5.14 30.67 4.14
CA SER D 74 3.99 30.46 3.24
C SER D 74 4.44 29.64 2.05
N GLY D 75 3.71 28.57 1.74
CA GLY D 75 4.09 27.71 0.63
C GLY D 75 3.23 26.46 0.44
N GLU D 76 3.83 25.45 -0.19
CA GLU D 76 3.12 24.23 -0.57
C GLU D 76 3.83 22.99 -0.05
N ILE D 77 3.08 22.11 0.61
CA ILE D 77 3.63 20.89 1.18
C ILE D 77 3.91 19.87 0.08
N VAL D 78 5.04 20.02 -0.59
CA VAL D 78 5.38 19.15 -1.71
C VAL D 78 5.54 17.68 -1.31
N ALA D 79 6.05 17.44 -0.10
CA ALA D 79 6.25 16.07 0.38
C ALA D 79 6.18 15.99 1.91
N VAL D 80 6.14 14.77 2.42
CA VAL D 80 6.01 14.54 3.85
C VAL D 80 6.83 13.34 4.30
N ASN D 81 7.27 13.36 5.55
CA ASN D 81 8.03 12.26 6.10
C ASN D 81 7.13 11.22 6.76
N ASP D 82 6.43 10.44 5.95
CA ASP D 82 5.52 9.43 6.46
C ASP D 82 6.26 8.24 7.10
N ALA D 83 7.54 8.46 7.41
CA ALA D 83 8.30 7.48 8.17
C ALA D 83 7.94 7.60 9.65
N LEU D 84 7.35 8.74 10.00
CA LEU D 84 6.97 9.03 11.39
C LEU D 84 5.66 8.34 11.78
N SER D 85 4.90 7.92 10.78
CA SER D 85 3.68 7.15 11.04
C SER D 85 4.07 5.82 11.68
N ASP D 86 5.29 5.37 11.38
CA ASP D 86 5.83 4.15 11.96
C ASP D 86 6.68 4.50 13.17
N SER D 87 7.62 5.42 12.99
CA SER D 87 8.51 5.84 14.06
C SER D 87 8.23 7.27 14.50
N PRO D 88 7.54 7.43 15.64
CA PRO D 88 7.30 8.76 16.18
C PRO D 88 8.51 9.32 16.92
N GLU D 89 9.23 8.44 17.62
CA GLU D 89 10.34 8.85 18.47
C GLU D 89 11.40 9.69 17.75
N LEU D 90 11.63 9.40 16.47
CA LEU D 90 12.66 10.10 15.69
C LEU D 90 12.72 11.59 16.00
N VAL D 91 11.56 12.22 16.17
CA VAL D 91 11.50 13.64 16.48
C VAL D 91 12.20 13.94 17.80
N ASN D 92 12.44 12.89 18.60
CA ASN D 92 13.11 13.04 19.89
C ASN D 92 14.60 12.76 19.81
N SER D 93 14.97 11.77 19.01
CA SER D 93 16.37 11.37 18.89
C SER D 93 17.09 12.09 17.74
N GLU D 94 16.42 12.18 16.60
CA GLU D 94 17.00 12.82 15.42
C GLU D 94 16.23 14.07 15.01
N PRO D 95 16.03 15.01 15.95
CA PRO D 95 15.26 16.21 15.67
C PRO D 95 15.66 16.85 14.34
N TYR D 96 16.95 17.09 14.17
CA TYR D 96 17.46 17.70 12.94
C TYR D 96 17.78 16.66 11.88
N ALA D 97 17.96 15.43 12.31
CA ALA D 97 18.34 14.34 11.40
C ALA D 97 17.15 13.86 10.56
N GLY D 98 16.82 12.57 10.72
CA GLY D 98 15.71 11.96 9.98
C GLY D 98 14.38 12.12 10.68
N GLY D 99 14.32 13.00 11.66
CA GLY D 99 13.09 13.29 12.39
C GLY D 99 12.35 14.47 11.80
N TRP D 100 12.63 14.77 10.55
CA TRP D 100 11.96 15.87 9.85
C TRP D 100 10.50 15.51 9.60
N ILE D 101 9.70 16.51 9.21
CA ILE D 101 8.27 16.32 9.09
C ILE D 101 7.75 16.52 7.66
N PHE D 102 7.86 17.75 7.17
CA PHE D 102 7.35 18.08 5.84
C PHE D 102 8.35 18.92 5.05
N LYS D 103 8.01 19.17 3.78
CA LYS D 103 8.84 20.00 2.91
C LYS D 103 8.05 21.14 2.28
N ILE D 104 8.63 22.34 2.27
CA ILE D 104 7.92 23.54 1.83
C ILE D 104 8.57 24.20 0.61
N LYS D 105 7.73 24.76 -0.25
CA LYS D 105 8.18 25.58 -1.37
C LYS D 105 7.62 27.00 -1.23
N ALA D 106 8.46 27.93 -0.80
CA ALA D 106 8.03 29.29 -0.49
C ALA D 106 7.44 30.04 -1.69
N SER D 107 6.50 30.93 -1.41
CA SER D 107 5.90 31.78 -2.43
C SER D 107 6.26 33.23 -2.14
N ASP D 108 6.92 33.45 -1.00
CA ASP D 108 7.35 34.77 -0.60
C ASP D 108 8.56 34.63 0.33
N GLU D 109 9.75 34.82 -0.22
CA GLU D 109 10.99 34.58 0.51
C GLU D 109 11.48 35.82 1.27
N SER D 110 10.74 36.91 1.17
CA SER D 110 11.01 38.09 1.99
C SER D 110 10.68 37.73 3.43
N GLU D 111 9.94 36.63 3.59
CA GLU D 111 9.63 36.09 4.91
C GLU D 111 10.80 35.28 5.45
N LEU D 112 11.83 35.09 4.61
CA LEU D 112 13.06 34.46 5.07
C LEU D 112 13.73 35.38 6.09
N GLU D 113 13.27 36.62 6.13
CA GLU D 113 13.75 37.60 7.09
C GLU D 113 12.97 37.52 8.39
N SER D 114 11.82 36.84 8.34
CA SER D 114 11.10 36.47 9.55
C SER D 114 11.82 35.26 10.15
N LEU D 115 12.85 34.80 9.44
CA LEU D 115 13.65 33.67 9.88
C LEU D 115 14.98 34.14 10.43
N LEU D 116 15.30 33.70 11.65
CA LEU D 116 16.56 34.05 12.28
C LEU D 116 17.69 33.23 11.68
N ASP D 117 18.93 33.62 11.97
CA ASP D 117 20.07 32.81 11.59
C ASP D 117 20.43 31.87 12.74
N ALA D 118 21.63 31.29 12.69
CA ALA D 118 22.06 30.32 13.69
C ALA D 118 22.06 30.89 15.12
N THR D 119 22.96 31.84 15.37
CA THR D 119 23.11 32.41 16.71
C THR D 119 22.05 33.45 17.04
N ALA D 120 21.06 33.60 16.16
CA ALA D 120 19.92 34.46 16.42
C ALA D 120 18.86 33.66 17.18
N TYR D 121 18.96 32.33 17.07
CA TYR D 121 18.09 31.43 17.80
C TYR D 121 18.73 31.09 19.15
N GLU D 122 20.06 30.97 19.16
CA GLU D 122 20.80 30.78 20.39
C GLU D 122 20.39 31.86 21.39
N ALA D 123 20.30 33.10 20.91
CA ALA D 123 19.90 34.22 21.75
C ALA D 123 18.40 34.17 22.07
N LEU D 124 17.64 33.46 21.24
CA LEU D 124 16.21 33.32 21.46
C LEU D 124 15.93 32.28 22.55
N LEU D 125 16.86 31.38 22.77
CA LEU D 125 16.76 30.43 23.87
C LEU D 125 17.24 31.07 25.16
N GLU D 126 18.15 32.04 25.04
CA GLU D 126 18.58 32.83 26.18
C GLU D 126 17.52 33.85 26.59
N ASP D 127 16.36 33.77 25.93
CA ASP D 127 15.21 34.59 26.29
C ASP D 127 14.34 33.83 27.29
N GLU D 128 14.21 32.52 27.06
CA GLU D 128 13.44 31.66 27.93
C GLU D 128 14.32 31.04 29.00
#